data_3UTA
#
_entry.id   3UTA
#
_cell.length_a   106.510
_cell.length_b   109.910
_cell.length_c   182.330
_cell.angle_alpha   90.00
_cell.angle_beta   90.00
_cell.angle_gamma   90.00
#
_symmetry.space_group_name_H-M   'P 21 21 21'
#
loop_
_entity.id
_entity.type
_entity.pdbx_description
1 polymer 'Histone H3.2'
2 polymer 'Histone H4'
3 polymer 'Histone H2A'
4 polymer 'Histone H2B 1.1'
5 polymer '145-mer DNA'
6 polymer '145-mer DNA'
7 non-polymer 'CHLORIDE ION'
8 non-polymer 'MANGANESE (II) ION'
9 water water
#
loop_
_entity_poly.entity_id
_entity_poly.type
_entity_poly.pdbx_seq_one_letter_code
_entity_poly.pdbx_strand_id
1 'polypeptide(L)'
;ARTKQTARKSTGGKAPRKQLATKAARKSAPATGGVKKPHRYRPGTVALREIRRYQKSTELLIRKLPFQRLVREIAQDFKT
DLRFQSSAVMALQEASEAYLVALFEDTNLCAIHAKRVTIMPKDIQLARRIRGERA
;
A,E
2 'polypeptide(L)'
;SGRGKGGKGLGKGGAKRHRKVLRDNIQGITKPAIRRLARRGGVKRISGLIYEETRGVLKVFLENVIRDAVTYTEHAKRKT
VTAMDVVYALKRQGRTLYGFGG
;
B,F
3 'polypeptide(L)'
;SGRGKQGGKTRAKAKTRSSRAGLQFPVGRVHRLLRKGNYAERVGAGAPVYLAAVLEYLTAEILELAGNAARDNKKTRIIP
RHLQLAVRNDEELNKLLGRVTIAQGGVLPNIQSVLLPKKTESSKSAKSK
;
C,G
4 'polypeptide(L)'
;PEPAKSAPAPKKGSKKAVTKTQKKDGKKRRKTRKESYAIYVYKVLKQVHPDTGISSKAMSIMNSFVNDVFERIAGEASRL
AHYNKRSTITSREIQTAVRLLLPGELAKHAVSEGTKAVTKYTSAK
;
D,H
5 'polydeoxyribonucleotide'
;(DA)(DT)(DC)(DA)(DA)(DT)(DA)(DT)(DC)(DC)(DA)(DC)(DC)(DT)(DG)(DC)(DA)(DG)(DA)(DT)
(DA)(DC)(DT)(DA)(DC)(DC)(DA)(DA)(DA)(DA)(DG)(DT)(DG)(DT)(DA)(DT)(DT)(DT)(DG)(DG)
(DA)(DA)(DA)(DC)(DT)(DG)(DC)(DT)(DC)(DC)(DA)(DT)(DC)(DA)(DA)(DT)(DT)(DT)(DA)(DA)
(DA)(DT)(DG)(DT)(DT)(DC)(DA)(DG)(DC)(DT)(DG)(DA)(DA)(DT)(DC)(DA)(DG)(DC)(DT)(DG)
(DA)(DA)(DC)(DA)(DT)(DT)(DT)(DA)(DA)(DA)(DT)(DT)(DG)(DA)(DT)(DG)(DG)(DA)(DG)(DC)
(DA)(DG)(DT)(DT)(DT)(DC)(DC)(DA)(DA)(DA)(DT)(DA)(DC)(DA)(DC)(DT)(DT)(DT)(DT)(DG)
(DG)(DT)(DA)(DG)(DT)(DA)(DT)(DC)(DT)(DG)(DC)(DA)(DG)(DG)(DT)(DG)(DG)(DA)(DT)(DA)
(DT)(DT)(DG)(DA)(DT)
;
I
6 'polydeoxyribonucleotide'
;(DA)(DT)(DC)(DA)(DA)(DT)(DA)(DT)(DC)(DC)(DA)(DC)(DC)(DT)(DG)(DC)(DA)(DG)(DA)(DT)
(DA)(DC)(DT)(DA)(DC)(DC)(DA)(DA)(DA)(DA)(DG)(DT)(DG)(DT)(DA)(DT)(DT)(DT)(DG)(DG)
(DA)(DA)(DA)(DC)(DT)(DG)(DC)(DT)(DC)(DC)(DA)(DT)(DC)(DA)(DA)(DT)(DT)(DT)(DA)(DA)
(DA)(DT)(DG)(DT)(DT)(DC)(DA)(DG)(DC)(DT)(DG)(DA)(DT)(DT)(DC)(DA)(DG)(DC)(DT)(DG)
(DA)(DA)(DC)(DA)(DT)(DT)(DT)(DA)(DA)(DA)(DT)(DT)(DG)(DA)(DT)(DG)(DG)(DA)(DG)(DC)
(DA)(DG)(DT)(DT)(DT)(DC)(DC)(DA)(DA)(DA)(DT)(DA)(DC)(DA)(DC)(DT)(DT)(DT)(DT)(DG)
(DG)(DT)(DA)(DG)(DT)(DA)(DT)(DC)(DT)(DG)(DC)(DA)(DG)(DG)(DT)(DG)(DG)(DA)(DT)(DA)
(DT)(DT)(DG)(DA)(DT)
;
J
#
loop_
_chem_comp.id
_chem_comp.type
_chem_comp.name
_chem_comp.formula
CL non-polymer 'CHLORIDE ION' 'Cl -1'
DA DNA linking 2'-DEOXYADENOSINE-5'-MONOPHOSPHATE 'C10 H14 N5 O6 P'
DC DNA linking 2'-DEOXYCYTIDINE-5'-MONOPHOSPHATE 'C9 H14 N3 O7 P'
DG DNA linking 2'-DEOXYGUANOSINE-5'-MONOPHOSPHATE 'C10 H14 N5 O7 P'
DT DNA linking THYMIDINE-5'-MONOPHOSPHATE 'C10 H15 N2 O8 P'
MN non-polymer 'MANGANESE (II) ION' 'Mn 2'
#
# COMPACT_ATOMS: atom_id res chain seq x y z
N PRO A 38 -16.45 37.41 -37.80
CA PRO A 38 -16.25 37.23 -36.36
C PRO A 38 -16.67 35.83 -35.86
N HIS A 39 -15.82 34.84 -36.12
CA HIS A 39 -16.16 33.43 -35.83
C HIS A 39 -15.91 33.06 -34.38
N ARG A 40 -16.84 32.29 -33.81
CA ARG A 40 -16.81 31.97 -32.40
C ARG A 40 -17.24 30.52 -32.13
N TYR A 41 -16.41 29.80 -31.36
CA TYR A 41 -16.68 28.41 -31.02
C TYR A 41 -17.66 28.27 -29.85
N ARG A 42 -18.51 27.25 -29.93
CA ARG A 42 -19.50 26.96 -28.89
C ARG A 42 -18.81 26.61 -27.55
N PRO A 43 -19.46 26.92 -26.42
CA PRO A 43 -18.95 26.49 -25.12
C PRO A 43 -18.72 25.00 -25.15
N GLY A 44 -17.50 24.56 -24.87
CA GLY A 44 -17.21 23.13 -24.83
C GLY A 44 -16.31 22.65 -25.96
N THR A 45 -16.34 23.34 -27.10
CA THR A 45 -15.55 22.95 -28.27
C THR A 45 -14.07 23.19 -28.01
N VAL A 46 -13.75 24.34 -27.42
CA VAL A 46 -12.36 24.64 -27.07
C VAL A 46 -11.89 23.80 -25.87
N ALA A 47 -12.81 23.44 -24.97
CA ALA A 47 -12.47 22.57 -23.84
C ALA A 47 -12.04 21.19 -24.34
N LEU A 48 -12.89 20.56 -25.15
CA LEU A 48 -12.61 19.27 -25.79
C LEU A 48 -11.27 19.23 -26.54
N ARG A 49 -10.97 20.32 -27.23
CA ARG A 49 -9.75 20.49 -27.97
C ARG A 49 -8.53 20.53 -27.05
N GLU A 50 -8.65 21.24 -25.93
CA GLU A 50 -7.59 21.29 -24.92
C GLU A 50 -7.34 19.90 -24.30
N ILE A 51 -8.41 19.15 -24.07
CA ILE A 51 -8.27 17.80 -23.54
C ILE A 51 -7.38 16.99 -24.48
N ARG A 52 -7.78 16.91 -25.76
CA ARG A 52 -7.00 16.20 -26.76
C ARG A 52 -5.56 16.73 -26.81
N ARG A 53 -5.40 18.05 -26.78
CA ARG A 53 -4.07 18.65 -26.77
C ARG A 53 -3.23 18.22 -25.55
N TYR A 54 -3.79 18.32 -24.35
CA TYR A 54 -2.99 18.01 -23.15
C TYR A 54 -2.83 16.53 -22.87
N GLN A 55 -3.74 15.71 -23.41
CA GLN A 55 -3.60 14.27 -23.26
C GLN A 55 -2.54 13.71 -24.18
N LYS A 56 -2.18 14.50 -25.20
CA LYS A 56 -1.18 14.09 -26.18
C LYS A 56 0.21 14.42 -25.71
N SER A 57 0.34 15.47 -24.88
CA SER A 57 1.67 15.92 -24.44
C SER A 57 2.06 15.46 -23.04
N THR A 58 3.32 15.72 -22.69
CA THR A 58 3.84 15.27 -21.40
C THR A 58 4.47 16.37 -20.55
N GLU A 59 4.58 17.59 -21.11
CA GLU A 59 5.21 18.69 -20.37
C GLU A 59 4.48 19.06 -19.10
N LEU A 60 5.24 19.51 -18.12
CA LEU A 60 4.67 20.00 -16.87
C LEU A 60 3.81 21.23 -17.17
N LEU A 61 2.72 21.36 -16.41
CA LEU A 61 1.64 22.31 -16.75
C LEU A 61 1.53 23.45 -15.75
N ILE A 62 2.25 23.35 -14.64
CA ILE A 62 2.45 24.49 -13.74
C ILE A 62 3.81 25.08 -14.13
N ARG A 63 3.93 26.42 -14.12
CA ARG A 63 5.24 27.06 -14.37
C ARG A 63 6.22 26.71 -13.24
N LYS A 64 7.51 26.66 -13.55
CA LYS A 64 8.48 26.11 -12.59
C LYS A 64 8.68 26.99 -11.36
N LEU A 65 8.85 28.29 -11.57
CA LEU A 65 9.20 29.20 -10.48
C LEU A 65 8.18 29.21 -9.36
N PRO A 66 6.88 29.45 -9.69
CA PRO A 66 5.85 29.48 -8.65
C PRO A 66 5.75 28.19 -7.89
N PHE A 67 6.03 27.06 -8.54
CA PHE A 67 6.04 25.77 -7.86
C PHE A 67 7.22 25.67 -6.92
N GLN A 68 8.38 26.14 -7.37
CA GLN A 68 9.59 26.15 -6.54
C GLN A 68 9.40 26.95 -5.26
N ARG A 69 8.75 28.11 -5.38
CA ARG A 69 8.51 28.96 -4.21
C ARG A 69 7.61 28.28 -3.18
N LEU A 70 6.56 27.63 -3.66
CA LEU A 70 5.63 26.88 -2.81
C LEU A 70 6.37 25.78 -2.05
N VAL A 71 7.14 24.98 -2.78
CA VAL A 71 7.96 23.94 -2.17
C VAL A 71 8.87 24.50 -1.05
N ARG A 72 9.62 25.56 -1.35
CA ARG A 72 10.51 26.19 -0.37
C ARG A 72 9.78 26.73 0.85
N GLU A 73 8.67 27.41 0.64
CA GLU A 73 7.81 27.87 1.72
C GLU A 73 7.36 26.73 2.64
N ILE A 74 6.99 25.59 2.07
CA ILE A 74 6.50 24.47 2.88
C ILE A 74 7.67 23.81 3.62
N ALA A 75 8.82 23.68 2.97
CA ALA A 75 9.95 23.03 3.65
C ALA A 75 10.45 23.86 4.86
N GLN A 76 10.34 25.18 4.75
CA GLN A 76 10.79 26.13 5.78
C GLN A 76 10.11 25.87 7.10
N ASP A 77 8.85 25.43 7.06
CA ASP A 77 8.15 25.08 8.29
C ASP A 77 8.63 23.79 8.92
N PHE A 78 9.45 23.02 8.22
CA PHE A 78 9.96 21.77 8.79
C PHE A 78 11.41 21.92 9.22
N LYS A 79 12.17 22.69 8.44
CA LYS A 79 13.55 23.03 8.77
C LYS A 79 13.96 24.26 7.97
N THR A 80 14.57 25.21 8.65
CA THR A 80 14.88 26.51 8.04
C THR A 80 16.19 26.45 7.26
N ASP A 81 16.34 27.32 6.26
CA ASP A 81 17.62 27.50 5.54
C ASP A 81 18.03 26.26 4.75
N LEU A 82 17.05 25.63 4.11
CA LEU A 82 17.32 24.47 3.27
C LEU A 82 17.66 24.87 1.87
N ARG A 83 18.54 24.08 1.25
CA ARG A 83 18.74 24.15 -0.17
C ARG A 83 18.04 22.93 -0.83
N PHE A 84 17.82 23.04 -2.14
CA PHE A 84 17.19 21.98 -2.92
C PHE A 84 17.99 21.73 -4.19
N GLN A 85 18.42 20.48 -4.40
CA GLN A 85 18.88 20.06 -5.72
C GLN A 85 17.80 20.37 -6.74
N SER A 86 18.21 20.74 -7.95
CA SER A 86 17.26 21.06 -9.02
C SER A 86 16.35 19.88 -9.32
N SER A 87 16.94 18.70 -9.38
CA SER A 87 16.18 17.49 -9.69
C SER A 87 15.22 17.10 -8.56
N ALA A 88 15.47 17.60 -7.34
CA ALA A 88 14.54 17.38 -6.23
C ALA A 88 13.24 18.18 -6.43
N VAL A 89 13.36 19.44 -6.82
CA VAL A 89 12.17 20.21 -7.15
C VAL A 89 11.37 19.59 -8.33
N MET A 90 12.09 19.19 -9.38
CA MET A 90 11.51 18.51 -10.53
C MET A 90 10.80 17.21 -10.16
N ALA A 91 11.46 16.37 -9.36
CA ALA A 91 10.81 15.16 -8.83
C ALA A 91 9.48 15.48 -8.16
N LEU A 92 9.48 16.48 -7.28
CA LEU A 92 8.28 16.87 -6.55
C LEU A 92 7.23 17.37 -7.50
N GLN A 93 7.66 18.03 -8.58
CA GLN A 93 6.70 18.52 -9.53
C GLN A 93 6.09 17.42 -10.42
N GLU A 94 6.91 16.49 -10.89
CA GLU A 94 6.39 15.36 -11.66
C GLU A 94 5.37 14.63 -10.79
N ALA A 95 5.78 14.26 -9.58
CA ALA A 95 4.87 13.61 -8.65
C ALA A 95 3.58 14.38 -8.40
N SER A 96 3.67 15.69 -8.13
CA SER A 96 2.49 16.47 -7.73
C SER A 96 1.54 16.58 -8.88
N GLU A 97 2.09 16.79 -10.08
CA GLU A 97 1.28 16.93 -11.28
C GLU A 97 0.63 15.60 -11.69
N ALA A 98 1.36 14.49 -11.61
CA ALA A 98 0.78 13.17 -11.79
C ALA A 98 -0.35 12.88 -10.82
N TYR A 99 -0.14 13.22 -9.54
CA TYR A 99 -1.17 13.07 -8.51
C TYR A 99 -2.41 13.85 -8.84
N LEU A 100 -2.26 15.11 -9.21
CA LEU A 100 -3.43 15.94 -9.48
C LEU A 100 -4.21 15.53 -10.74
N VAL A 101 -3.49 15.11 -11.79
CA VAL A 101 -4.13 14.62 -13.03
C VAL A 101 -4.99 13.39 -12.72
N ALA A 102 -4.41 12.40 -12.08
CA ALA A 102 -5.15 11.20 -11.68
C ALA A 102 -6.32 11.50 -10.77
N LEU A 103 -6.19 12.51 -9.91
CA LEU A 103 -7.29 12.90 -8.98
C LEU A 103 -8.39 13.58 -9.77
N PHE A 104 -7.98 14.40 -10.73
CA PHE A 104 -8.96 14.96 -11.67
C PHE A 104 -9.74 13.89 -12.49
N GLU A 105 -9.09 12.79 -12.88
CA GLU A 105 -9.84 11.67 -13.51
C GLU A 105 -10.92 11.11 -12.58
N ASP A 106 -10.55 10.68 -11.37
CA ASP A 106 -11.53 10.21 -10.39
C ASP A 106 -12.64 11.23 -10.12
N THR A 107 -12.26 12.50 -10.00
CA THR A 107 -13.20 13.57 -9.73
C THR A 107 -14.22 13.64 -10.85
N ASN A 108 -13.72 13.51 -12.08
CA ASN A 108 -14.58 13.51 -13.26
C ASN A 108 -15.57 12.35 -13.22
N LEU A 109 -15.10 11.16 -12.87
CA LEU A 109 -16.02 10.03 -12.72
C LEU A 109 -17.07 10.28 -11.64
N CYS A 110 -16.69 10.99 -10.57
CA CYS A 110 -17.67 11.35 -9.54
C CYS A 110 -18.75 12.33 -10.04
N ALA A 111 -18.33 13.37 -10.74
CA ALA A 111 -19.28 14.32 -11.36
C ALA A 111 -20.21 13.60 -12.32
N ILE A 112 -19.65 12.71 -13.12
CA ILE A 112 -20.44 11.96 -14.10
C ILE A 112 -21.41 11.01 -13.41
N HIS A 113 -20.95 10.37 -12.33
CA HIS A 113 -21.86 9.56 -11.51
C HIS A 113 -23.11 10.31 -11.05
N ALA A 114 -22.97 11.61 -10.79
CA ALA A 114 -24.09 12.43 -10.35
C ALA A 114 -24.82 13.07 -11.53
N LYS A 115 -24.54 12.57 -12.74
CA LYS A 115 -25.16 13.03 -13.98
C LYS A 115 -24.82 14.46 -14.31
N ARG A 116 -23.57 14.83 -14.07
CA ARG A 116 -23.09 16.17 -14.39
C ARG A 116 -21.87 16.06 -15.30
N VAL A 117 -21.51 17.16 -15.95
CA VAL A 117 -20.30 17.23 -16.75
C VAL A 117 -19.31 18.25 -16.15
N THR A 118 -19.69 18.82 -15.01
CA THR A 118 -18.94 19.88 -14.34
C THR A 118 -18.43 19.37 -13.00
N ILE A 119 -17.11 19.38 -12.83
CA ILE A 119 -16.53 18.96 -11.56
C ILE A 119 -16.73 20.02 -10.47
N MET A 120 -17.09 19.57 -9.27
CA MET A 120 -17.34 20.45 -8.14
C MET A 120 -16.46 19.98 -6.98
N PRO A 121 -16.29 20.81 -5.94
CA PRO A 121 -15.51 20.38 -4.79
C PRO A 121 -16.06 19.11 -4.16
N LYS A 122 -17.35 18.90 -4.24
CA LYS A 122 -17.90 17.69 -3.62
C LYS A 122 -17.45 16.42 -4.35
N ASP A 123 -17.05 16.55 -5.62
CA ASP A 123 -16.56 15.43 -6.43
C ASP A 123 -15.15 15.08 -6.02
N ILE A 124 -14.31 16.10 -5.88
CA ILE A 124 -12.96 15.95 -5.31
C ILE A 124 -13.00 15.32 -3.93
N GLN A 125 -13.94 15.78 -3.10
CA GLN A 125 -14.04 15.31 -1.73
C GLN A 125 -14.45 13.87 -1.69
N LEU A 126 -15.42 13.50 -2.51
CA LEU A 126 -15.80 12.10 -2.62
C LEU A 126 -14.61 11.27 -3.09
N ALA A 127 -13.91 11.71 -4.14
CA ALA A 127 -12.79 10.92 -4.68
C ALA A 127 -11.80 10.66 -3.57
N ARG A 128 -11.42 11.72 -2.84
CA ARG A 128 -10.45 11.62 -1.74
C ARG A 128 -10.90 10.75 -0.58
N ARG A 129 -12.17 10.80 -0.23
CA ARG A 129 -12.70 9.98 0.86
C ARG A 129 -12.62 8.48 0.50
N ILE A 130 -13.06 8.13 -0.71
CA ILE A 130 -12.99 6.72 -1.19
C ILE A 130 -11.53 6.23 -1.27
N ARG A 131 -10.61 7.11 -1.69
CA ARG A 131 -9.19 6.78 -1.74
C ARG A 131 -8.62 6.57 -0.34
N GLY A 132 -9.30 7.05 0.68
CA GLY A 132 -8.78 6.94 2.05
C GLY A 132 -7.78 8.04 2.35
N GLU A 133 -7.86 9.13 1.58
CA GLU A 133 -7.04 10.30 1.83
C GLU A 133 -7.69 11.17 2.91
N ARG A 134 -9.02 11.09 3.03
CA ARG A 134 -9.79 11.81 4.05
C ARG A 134 -9.96 10.95 5.31
N VAL B 21 1.50 44.68 -3.75
CA VAL B 21 1.09 43.47 -4.51
C VAL B 21 1.72 42.22 -3.86
N LEU B 22 1.23 41.85 -2.68
CA LEU B 22 1.77 40.68 -1.96
C LEU B 22 1.28 39.34 -2.55
N ARG B 23 0.20 38.78 -2.02
CA ARG B 23 -0.38 37.50 -2.48
C ARG B 23 0.50 36.31 -2.10
N ASP B 24 -0.13 35.31 -1.50
CA ASP B 24 0.56 34.12 -1.02
C ASP B 24 1.11 33.24 -2.16
N ASN B 25 2.11 32.42 -1.84
CA ASN B 25 2.76 31.53 -2.82
C ASN B 25 1.81 30.49 -3.46
N ILE B 26 0.88 29.98 -2.66
CA ILE B 26 -0.14 29.07 -3.14
C ILE B 26 -0.97 29.66 -4.29
N GLN B 27 -1.18 30.98 -4.27
CA GLN B 27 -1.95 31.63 -5.32
C GLN B 27 -1.17 31.74 -6.61
N GLY B 28 0.13 31.47 -6.53
CA GLY B 28 0.98 31.37 -7.71
C GLY B 28 0.67 30.17 -8.59
N ILE B 29 -0.08 29.20 -8.03
CA ILE B 29 -0.62 28.06 -8.78
C ILE B 29 -1.93 28.56 -9.37
N THR B 30 -1.86 29.01 -10.61
CA THR B 30 -2.92 29.82 -11.19
C THR B 30 -4.11 29.01 -11.66
N LYS B 31 -5.25 29.69 -11.77
CA LYS B 31 -6.44 29.11 -12.38
C LYS B 31 -6.17 28.43 -13.74
N PRO B 32 -5.46 29.10 -14.68
CA PRO B 32 -5.15 28.48 -15.96
C PRO B 32 -4.32 27.20 -15.84
N ALA B 33 -3.36 27.18 -14.92
CA ALA B 33 -2.53 26.00 -14.72
C ALA B 33 -3.35 24.84 -14.15
N ILE B 34 -4.29 25.15 -13.27
CA ILE B 34 -5.14 24.14 -12.67
C ILE B 34 -6.10 23.62 -13.73
N ARG B 35 -6.56 24.54 -14.56
CA ARG B 35 -7.42 24.22 -15.69
C ARG B 35 -6.72 23.23 -16.63
N ARG B 36 -5.46 23.51 -16.97
CA ARG B 36 -4.66 22.58 -17.79
C ARG B 36 -4.52 21.18 -17.21
N LEU B 37 -4.25 21.07 -15.91
CA LEU B 37 -4.13 19.76 -15.26
C LEU B 37 -5.45 19.02 -15.34
N ALA B 38 -6.55 19.74 -15.19
CA ALA B 38 -7.86 19.15 -15.26
C ALA B 38 -8.14 18.61 -16.68
N ARG B 39 -7.68 19.34 -17.70
CA ARG B 39 -7.78 18.92 -19.11
C ARG B 39 -7.02 17.63 -19.41
N ARG B 40 -5.79 17.52 -18.91
CA ARG B 40 -5.04 16.27 -19.03
C ARG B 40 -5.78 15.12 -18.33
N GLY B 41 -6.52 15.45 -17.28
CA GLY B 41 -7.31 14.48 -16.54
C GLY B 41 -8.67 14.26 -17.17
N GLY B 42 -8.87 14.85 -18.35
CA GLY B 42 -10.08 14.63 -19.14
C GLY B 42 -11.31 15.43 -18.75
N VAL B 43 -11.10 16.56 -18.07
CA VAL B 43 -12.22 17.36 -17.58
C VAL B 43 -12.65 18.45 -18.57
N LYS B 44 -13.96 18.53 -18.81
CA LYS B 44 -14.55 19.43 -19.82
C LYS B 44 -15.01 20.77 -19.24
N ARG B 45 -15.58 20.70 -18.04
CA ARG B 45 -16.22 21.85 -17.42
C ARG B 45 -15.91 21.90 -15.91
N ILE B 46 -15.57 23.09 -15.43
CA ILE B 46 -14.95 23.27 -14.13
C ILE B 46 -15.66 24.37 -13.35
N SER B 47 -16.20 24.01 -12.19
CA SER B 47 -16.81 24.96 -11.29
C SER B 47 -15.80 25.96 -10.73
N GLY B 48 -16.27 27.18 -10.46
CA GLY B 48 -15.42 28.27 -9.93
C GLY B 48 -14.72 27.93 -8.63
N LEU B 49 -15.34 27.08 -7.83
CA LEU B 49 -14.80 26.73 -6.50
C LEU B 49 -13.68 25.69 -6.53
N ILE B 50 -13.50 25.03 -7.67
CA ILE B 50 -12.48 24.01 -7.82
C ILE B 50 -11.05 24.52 -7.54
N TYR B 51 -10.75 25.74 -7.96
CA TYR B 51 -9.39 26.25 -7.89
C TYR B 51 -8.84 26.36 -6.49
N GLU B 52 -9.64 26.90 -5.57
CA GLU B 52 -9.25 26.90 -4.17
C GLU B 52 -9.22 25.49 -3.60
N GLU B 53 -10.20 24.67 -3.95
CA GLU B 53 -10.21 23.28 -3.48
C GLU B 53 -8.91 22.56 -3.85
N THR B 54 -8.47 22.78 -5.09
CA THR B 54 -7.30 22.11 -5.64
C THR B 54 -6.01 22.58 -4.98
N ARG B 55 -5.91 23.88 -4.76
CA ARG B 55 -4.76 24.45 -4.03
C ARG B 55 -4.61 23.83 -2.66
N GLY B 56 -5.72 23.65 -1.96
CA GLY B 56 -5.73 23.01 -0.64
C GLY B 56 -5.22 21.59 -0.70
N VAL B 57 -5.66 20.86 -1.71
CA VAL B 57 -5.25 19.45 -1.88
C VAL B 57 -3.77 19.31 -2.20
N LEU B 58 -3.28 20.16 -3.09
CA LEU B 58 -1.85 20.20 -3.41
C LEU B 58 -0.97 20.53 -2.19
N LYS B 59 -1.43 21.48 -1.37
CA LYS B 59 -0.67 21.86 -0.18
C LYS B 59 -0.57 20.67 0.77
N VAL B 60 -1.67 19.96 1.02
CA VAL B 60 -1.63 18.75 1.86
C VAL B 60 -0.70 17.69 1.27
N PHE B 61 -0.78 17.48 -0.05
CA PHE B 61 0.11 16.54 -0.76
C PHE B 61 1.56 16.94 -0.59
N LEU B 62 1.86 18.22 -0.85
CA LEU B 62 3.24 18.68 -0.68
C LEU B 62 3.72 18.56 0.78
N GLU B 63 2.89 18.97 1.74
CA GLU B 63 3.26 18.85 3.16
C GLU B 63 3.66 17.42 3.50
N ASN B 64 2.81 16.46 3.14
CA ASN B 64 3.05 15.07 3.48
C ASN B 64 4.35 14.54 2.93
N VAL B 65 4.65 14.85 1.67
CA VAL B 65 5.87 14.36 1.00
C VAL B 65 7.13 15.14 1.43
N ILE B 66 7.03 16.46 1.49
CA ILE B 66 8.17 17.27 1.92
C ILE B 66 8.61 16.97 3.36
N ARG B 67 7.65 16.78 4.27
CA ARG B 67 7.97 16.44 5.65
C ARG B 67 8.85 15.22 5.68
N ASP B 68 8.45 14.17 4.95
CA ASP B 68 9.23 12.94 4.89
C ASP B 68 10.60 13.16 4.24
N ALA B 69 10.63 13.90 3.13
CA ALA B 69 11.91 14.19 2.45
C ALA B 69 12.86 14.97 3.37
N VAL B 70 12.34 16.01 4.03
CA VAL B 70 13.16 16.77 5.02
C VAL B 70 13.67 15.86 6.12
N THR B 71 12.83 14.93 6.58
CA THR B 71 13.25 13.96 7.60
C THR B 71 14.45 13.11 7.17
N TYR B 72 14.50 12.74 5.88
CA TYR B 72 15.68 12.02 5.35
C TYR B 72 16.91 12.94 5.31
N THR B 73 16.70 14.18 4.91
CA THR B 73 17.77 15.17 4.82
C THR B 73 18.40 15.39 6.20
N GLU B 74 17.57 15.70 7.18
CA GLU B 74 18.05 15.90 8.55
C GLU B 74 18.77 14.68 9.07
N HIS B 75 18.26 13.49 8.74
CA HIS B 75 18.93 12.26 9.18
C HIS B 75 20.33 12.11 8.60
N ALA B 76 20.49 12.52 7.35
CA ALA B 76 21.77 12.45 6.67
C ALA B 76 22.68 13.61 7.07
N LYS B 77 22.18 14.48 7.96
CA LYS B 77 22.90 15.68 8.41
C LYS B 77 23.27 16.56 7.22
N ARG B 78 22.31 16.80 6.33
CA ARG B 78 22.54 17.62 5.15
C ARG B 78 21.72 18.88 5.23
N LYS B 79 22.09 19.89 4.46
CA LYS B 79 21.33 21.14 4.41
C LYS B 79 20.59 21.28 3.08
N THR B 80 20.78 20.28 2.21
CA THR B 80 20.21 20.24 0.87
C THR B 80 19.30 19.01 0.71
N VAL B 81 18.04 19.25 0.34
CA VAL B 81 17.13 18.15 0.00
C VAL B 81 17.54 17.58 -1.36
N THR B 82 17.92 16.30 -1.37
CA THR B 82 18.26 15.65 -2.64
C THR B 82 17.05 15.03 -3.32
N ALA B 83 17.20 14.77 -4.62
CA ALA B 83 16.21 14.05 -5.39
C ALA B 83 15.94 12.71 -4.76
N MET B 84 16.97 12.07 -4.21
CA MET B 84 16.82 10.78 -3.56
C MET B 84 15.98 10.88 -2.30
N ASP B 85 16.11 11.98 -1.55
CA ASP B 85 15.26 12.19 -0.37
C ASP B 85 13.81 12.22 -0.84
N VAL B 86 13.54 12.90 -1.94
CA VAL B 86 12.19 13.05 -2.46
C VAL B 86 11.66 11.68 -2.96
N VAL B 87 12.49 10.99 -3.74
CA VAL B 87 12.16 9.65 -4.24
C VAL B 87 11.83 8.69 -3.10
N TYR B 88 12.69 8.65 -2.10
CA TYR B 88 12.43 7.81 -0.95
C TYR B 88 11.15 8.20 -0.24
N ALA B 89 10.89 9.49 -0.13
CA ALA B 89 9.69 9.98 0.54
C ALA B 89 8.45 9.57 -0.24
N LEU B 90 8.52 9.69 -1.57
CA LEU B 90 7.39 9.31 -2.43
C LEU B 90 7.11 7.82 -2.35
N LYS B 91 8.15 7.01 -2.33
CA LYS B 91 8.01 5.58 -2.25
C LYS B 91 7.26 5.18 -0.98
N ARG B 92 7.71 5.69 0.17
CA ARG B 92 7.11 5.28 1.44
C ARG B 92 5.70 5.86 1.55
N GLN B 93 5.38 6.88 0.76
CA GLN B 93 4.02 7.38 0.70
C GLN B 93 3.15 6.59 -0.30
N GLY B 94 3.71 5.54 -0.91
CA GLY B 94 3.02 4.72 -1.94
C GLY B 94 2.79 5.46 -3.25
N ARG B 95 3.74 6.34 -3.61
CA ARG B 95 3.70 7.10 -4.85
C ARG B 95 5.03 6.96 -5.59
N THR B 96 5.56 5.73 -5.69
CA THR B 96 6.82 5.44 -6.39
C THR B 96 6.95 6.25 -7.68
N LEU B 97 8.10 6.90 -7.85
CA LEU B 97 8.36 7.75 -8.99
C LEU B 97 9.59 7.19 -9.66
N TYR B 98 9.51 7.06 -10.97
CA TYR B 98 10.64 6.55 -11.73
C TYR B 98 11.23 7.69 -12.52
N GLY B 99 12.55 7.69 -12.63
CA GLY B 99 13.23 8.64 -13.47
C GLY B 99 14.14 9.60 -12.76
N PHE B 100 14.37 9.40 -11.47
CA PHE B 100 15.14 10.38 -10.69
C PHE B 100 16.17 9.76 -9.78
N GLY B 101 16.65 8.57 -10.13
CA GLY B 101 17.66 7.93 -9.31
C GLY B 101 17.00 6.83 -8.52
N GLY B 102 17.81 6.04 -7.82
CA GLY B 102 17.31 4.90 -7.05
C GLY B 102 16.80 3.75 -7.92
N ALA C 14 23.42 -8.62 38.77
CA ALA C 14 22.67 -9.40 37.74
C ALA C 14 21.35 -8.71 37.30
N LYS C 15 21.49 -7.58 36.59
CA LYS C 15 20.36 -6.72 36.21
C LYS C 15 19.87 -6.92 34.78
N THR C 16 18.55 -6.85 34.59
CA THR C 16 17.96 -6.87 33.25
C THR C 16 18.17 -5.51 32.60
N ARG C 17 18.39 -5.51 31.29
CA ARG C 17 18.54 -4.26 30.54
C ARG C 17 17.26 -3.40 30.56
N SER C 18 16.11 -4.07 30.65
CA SER C 18 14.83 -3.38 30.78
C SER C 18 14.74 -2.58 32.09
N SER C 19 15.10 -3.20 33.21
CA SER C 19 15.08 -2.51 34.50
C SER C 19 16.08 -1.37 34.49
N ARG C 20 17.27 -1.60 33.94
CA ARG C 20 18.22 -0.51 33.71
C ARG C 20 17.64 0.66 32.94
N ALA C 21 16.85 0.35 31.91
CA ALA C 21 16.27 1.38 31.06
C ALA C 21 14.98 1.94 31.65
N GLY C 22 14.44 1.29 32.66
CA GLY C 22 13.19 1.72 33.28
C GLY C 22 11.95 1.29 32.49
N LEU C 23 12.04 0.13 31.86
CA LEU C 23 11.01 -0.33 30.92
C LEU C 23 10.37 -1.60 31.43
N GLN C 24 9.09 -1.77 31.13
CA GLN C 24 8.38 -3.04 31.35
C GLN C 24 8.60 -3.99 30.17
N PHE C 25 8.80 -3.43 28.98
CA PHE C 25 9.02 -4.21 27.76
C PHE C 25 10.45 -4.77 27.67
N PRO C 26 10.60 -5.98 27.07
CA PRO C 26 11.84 -6.77 27.16
C PRO C 26 12.94 -6.32 26.19
N VAL C 27 13.98 -5.68 26.72
CA VAL C 27 15.07 -5.14 25.87
C VAL C 27 15.89 -6.25 25.22
N GLY C 28 16.20 -7.28 26.00
CA GLY C 28 16.93 -8.45 25.50
C GLY C 28 16.23 -9.10 24.32
N ARG C 29 14.94 -9.40 24.50
CA ARG C 29 14.10 -9.97 23.42
C ARG C 29 14.15 -9.13 22.15
N VAL C 30 13.91 -7.82 22.30
CA VAL C 30 13.89 -6.89 21.17
C VAL C 30 15.22 -6.83 20.42
N HIS C 31 16.33 -6.87 21.15
CA HIS C 31 17.68 -6.92 20.55
C HIS C 31 17.83 -8.14 19.65
N ARG C 32 17.35 -9.27 20.15
CA ARG C 32 17.48 -10.56 19.48
C ARG C 32 16.62 -10.61 18.22
N LEU C 33 15.39 -10.10 18.31
CA LEU C 33 14.50 -10.02 17.18
C LEU C 33 15.04 -9.09 16.11
N LEU C 34 15.76 -8.05 16.51
CA LEU C 34 16.45 -7.17 15.54
C LEU C 34 17.62 -7.86 14.85
N ARG C 35 18.27 -8.80 15.56
CA ARG C 35 19.33 -9.64 14.98
C ARG C 35 18.73 -10.64 13.99
N LYS C 36 17.77 -11.42 14.46
CA LYS C 36 17.13 -12.46 13.64
C LYS C 36 16.41 -11.94 12.39
N GLY C 37 15.94 -10.70 12.43
CA GLY C 37 15.12 -10.17 11.35
C GLY C 37 15.95 -9.68 10.18
N ASN C 38 17.27 -9.69 10.34
CA ASN C 38 18.19 -9.27 9.27
C ASN C 38 17.83 -7.91 8.75
N TYR C 39 17.92 -6.92 9.62
CA TYR C 39 17.58 -5.57 9.25
C TYR C 39 18.83 -4.81 8.85
N ALA C 40 19.94 -5.14 9.49
CA ALA C 40 21.24 -4.59 9.14
C ALA C 40 22.31 -5.56 9.61
N GLU C 41 23.55 -5.35 9.16
CA GLU C 41 24.65 -6.19 9.62
C GLU C 41 24.85 -6.03 11.12
N ARG C 42 24.76 -4.79 11.59
CA ARG C 42 25.01 -4.47 13.00
C ARG C 42 23.82 -3.78 13.65
N VAL C 43 23.65 -4.03 14.94
CA VAL C 43 22.61 -3.41 15.75
C VAL C 43 23.26 -2.77 16.97
N GLY C 44 23.13 -1.46 17.11
CA GLY C 44 23.67 -0.72 18.27
C GLY C 44 22.95 -1.03 19.57
N ALA C 45 23.62 -0.78 20.69
CA ALA C 45 23.09 -1.14 22.02
C ALA C 45 21.87 -0.33 22.44
N GLY C 46 21.77 0.90 21.98
CA GLY C 46 20.64 1.77 22.28
C GLY C 46 19.43 1.51 21.39
N ALA C 47 19.64 0.86 20.24
CA ALA C 47 18.55 0.59 19.31
C ALA C 47 17.39 -0.17 19.95
N PRO C 48 17.66 -1.36 20.55
CA PRO C 48 16.56 -2.10 21.16
C PRO C 48 15.94 -1.48 22.41
N VAL C 49 16.68 -0.58 23.09
CA VAL C 49 16.14 0.15 24.24
C VAL C 49 15.16 1.18 23.74
N TYR C 50 15.57 1.95 22.75
CA TYR C 50 14.70 2.96 22.19
C TYR C 50 13.41 2.33 21.62
N LEU C 51 13.58 1.24 20.87
CA LEU C 51 12.44 0.61 20.22
C LEU C 51 11.54 -0.05 21.25
N ALA C 52 12.11 -0.71 22.24
CA ALA C 52 11.28 -1.27 23.33
C ALA C 52 10.45 -0.19 24.01
N ALA C 53 11.05 1.00 24.18
CA ALA C 53 10.37 2.14 24.81
C ALA C 53 9.19 2.61 23.97
N VAL C 54 9.41 2.72 22.67
CA VAL C 54 8.36 3.10 21.74
C VAL C 54 7.21 2.08 21.79
N LEU C 55 7.53 0.81 21.86
CA LEU C 55 6.50 -0.20 21.76
C LEU C 55 5.67 -0.17 23.02
N GLU C 56 6.35 -0.06 24.16
CA GLU C 56 5.70 0.09 25.44
C GLU C 56 4.82 1.33 25.47
N TYR C 57 5.32 2.48 25.01
CA TYR C 57 4.52 3.73 25.02
C TYR C 57 3.23 3.56 24.21
N LEU C 58 3.36 3.04 22.98
CA LEU C 58 2.20 2.75 22.12
C LEU C 58 1.19 1.81 22.73
N THR C 59 1.63 0.75 23.38
CA THR C 59 0.65 -0.13 24.01
C THR C 59 -0.01 0.48 25.26
N ALA C 60 0.73 1.31 25.99
CA ALA C 60 0.12 2.09 27.11
C ALA C 60 -0.95 3.01 26.58
N GLU C 61 -0.66 3.71 25.49
CA GLU C 61 -1.63 4.61 24.86
C GLU C 61 -2.93 3.92 24.40
N ILE C 62 -2.84 2.76 23.76
CA ILE C 62 -4.05 2.06 23.33
C ILE C 62 -4.79 1.43 24.54
N LEU C 63 -4.06 0.83 25.47
CA LEU C 63 -4.66 0.19 26.63
C LEU C 63 -5.44 1.16 27.54
N GLU C 64 -4.95 2.40 27.61
CA GLU C 64 -5.60 3.45 28.42
C GLU C 64 -6.94 3.75 27.80
N LEU C 65 -6.94 4.04 26.50
CA LEU C 65 -8.20 4.35 25.79
C LEU C 65 -9.15 3.16 25.75
N ALA C 66 -8.60 1.96 25.65
CA ALA C 66 -9.42 0.75 25.55
C ALA C 66 -10.02 0.38 26.90
N GLY C 67 -9.21 0.50 27.96
CA GLY C 67 -9.74 0.37 29.32
C GLY C 67 -10.83 1.38 29.59
N ASN C 68 -10.71 2.61 29.09
CA ASN C 68 -11.76 3.58 29.27
C ASN C 68 -13.01 3.14 28.54
N ALA C 69 -12.85 2.66 27.31
CA ALA C 69 -13.99 2.16 26.50
C ALA C 69 -14.72 1.02 27.18
N ALA C 70 -13.97 0.08 27.75
CA ALA C 70 -14.56 -0.98 28.54
C ALA C 70 -15.41 -0.38 29.68
N ARG C 71 -14.82 0.53 30.46
CA ARG C 71 -15.52 1.21 31.57
C ARG C 71 -16.79 1.92 31.10
N ASP C 72 -16.72 2.65 29.99
CA ASP C 72 -17.92 3.27 29.39
C ASP C 72 -19.01 2.23 29.05
N ASN C 73 -18.62 0.96 28.95
CA ASN C 73 -19.54 -0.14 28.63
C ASN C 73 -19.74 -1.09 29.82
N LYS C 74 -19.34 -0.65 31.01
CA LYS C 74 -19.54 -1.39 32.27
C LYS C 74 -18.93 -2.78 32.32
N LYS C 75 -17.66 -2.89 31.92
CA LYS C 75 -16.98 -4.16 31.84
C LYS C 75 -15.61 -4.02 32.47
N THR C 76 -15.16 -5.07 33.12
CA THR C 76 -13.86 -5.15 33.76
C THR C 76 -12.83 -5.72 32.79
N ARG C 77 -13.32 -6.32 31.70
CA ARG C 77 -12.43 -6.99 30.78
C ARG C 77 -12.41 -6.33 29.41
N ILE C 78 -11.22 -5.94 28.97
CA ILE C 78 -11.05 -5.41 27.61
C ILE C 78 -11.33 -6.53 26.56
N ILE C 79 -12.21 -6.28 25.61
CA ILE C 79 -12.40 -7.20 24.44
C ILE C 79 -12.03 -6.50 23.15
N PRO C 80 -11.97 -7.24 22.00
CA PRO C 80 -11.56 -6.54 20.79
C PRO C 80 -12.41 -5.36 20.44
N ARG C 81 -13.71 -5.40 20.73
CA ARG C 81 -14.56 -4.27 20.50
C ARG C 81 -14.05 -3.00 21.17
N HIS C 82 -13.48 -3.12 22.40
CA HIS C 82 -12.99 -1.93 23.13
C HIS C 82 -11.72 -1.44 22.46
N LEU C 83 -10.87 -2.39 22.05
CA LEU C 83 -9.67 -2.06 21.25
C LEU C 83 -9.97 -1.29 19.98
N GLN C 84 -11.05 -1.66 19.30
CA GLN C 84 -11.47 -0.99 18.07
C GLN C 84 -12.16 0.36 18.32
N LEU C 85 -12.92 0.45 19.40
CA LEU C 85 -13.42 1.79 19.77
C LEU C 85 -12.27 2.73 20.13
N ALA C 86 -11.29 2.22 20.86
CA ALA C 86 -10.12 3.05 21.21
C ALA C 86 -9.47 3.61 19.95
N VAL C 87 -9.22 2.74 18.98
CA VAL C 87 -8.42 3.09 17.79
C VAL C 87 -9.15 4.03 16.90
N ARG C 88 -10.41 3.73 16.61
CA ARG C 88 -11.13 4.46 15.56
C ARG C 88 -11.67 5.78 16.09
N ASN C 89 -11.82 5.90 17.42
CA ASN C 89 -12.23 7.20 17.99
C ASN C 89 -11.06 8.19 18.16
N ASP C 90 -9.83 7.74 17.93
CA ASP C 90 -8.62 8.55 18.12
C ASP C 90 -7.99 8.82 16.77
N GLU C 91 -7.84 10.09 16.38
CA GLU C 91 -7.33 10.45 15.07
C GLU C 91 -6.01 9.79 14.69
N GLU C 92 -5.04 9.91 15.59
CA GLU C 92 -3.68 9.43 15.29
C GLU C 92 -3.53 7.91 15.31
N LEU C 93 -4.22 7.24 16.21
CA LEU C 93 -4.13 5.81 16.25
C LEU C 93 -4.89 5.21 15.05
N ASN C 94 -5.95 5.90 14.61
CA ASN C 94 -6.73 5.51 13.48
C ASN C 94 -5.90 5.56 12.21
N LYS C 95 -5.09 6.60 12.06
CA LYS C 95 -4.21 6.73 10.94
C LYS C 95 -3.07 5.69 10.98
N LEU C 96 -2.49 5.48 12.16
CA LEU C 96 -1.43 4.46 12.27
C LEU C 96 -1.94 3.08 11.85
N LEU C 97 -3.16 2.77 12.24
CA LEU C 97 -3.80 1.50 11.94
C LEU C 97 -4.83 1.64 10.81
N GLY C 98 -4.62 2.60 9.92
CA GLY C 98 -5.57 2.88 8.82
C GLY C 98 -5.77 1.71 7.86
N ARG C 99 -4.79 0.81 7.79
CA ARG C 99 -4.94 -0.32 6.90
C ARG C 99 -4.89 -1.63 7.64
N VAL C 100 -5.42 -1.63 8.87
CA VAL C 100 -5.38 -2.79 9.72
C VAL C 100 -6.81 -3.13 10.09
N THR C 101 -7.10 -4.42 10.17
CA THR C 101 -8.42 -4.92 10.51
C THR C 101 -8.27 -5.58 11.86
N ILE C 102 -9.09 -5.17 12.82
CA ILE C 102 -9.09 -5.73 14.15
C ILE C 102 -10.22 -6.75 14.19
N ALA C 103 -9.87 -8.02 14.32
CA ALA C 103 -10.87 -9.09 14.28
C ALA C 103 -11.89 -8.86 15.38
N GLN C 104 -13.16 -9.10 15.10
CA GLN C 104 -14.22 -8.95 16.12
C GLN C 104 -14.34 -7.55 16.70
N GLY C 105 -13.93 -6.55 15.91
CA GLY C 105 -14.03 -5.16 16.32
C GLY C 105 -15.29 -4.41 15.98
N GLY C 106 -15.98 -4.86 14.93
CA GLY C 106 -17.19 -4.17 14.48
C GLY C 106 -16.77 -2.86 13.90
N VAL C 107 -17.72 -1.95 13.73
CA VAL C 107 -17.42 -0.60 13.26
C VAL C 107 -17.98 0.41 14.27
N LEU C 108 -17.65 1.67 14.06
CA LEU C 108 -18.21 2.78 14.82
C LEU C 108 -19.64 3.08 14.39
N PRO C 109 -20.56 3.32 15.36
CA PRO C 109 -21.89 3.78 14.96
C PRO C 109 -21.82 5.07 14.13
N ASN C 110 -22.45 5.09 12.97
CA ASN C 110 -22.34 6.22 12.05
C ASN C 110 -23.29 6.01 10.89
N ILE C 111 -24.38 6.76 10.95
CA ILE C 111 -25.46 6.77 9.98
C ILE C 111 -25.44 8.13 9.29
N GLN C 112 -25.41 8.15 7.96
CA GLN C 112 -25.43 9.40 7.22
C GLN C 112 -26.73 10.17 7.44
N SER C 113 -26.60 11.50 7.53
CA SER C 113 -27.69 12.46 7.74
C SER C 113 -28.93 12.30 6.89
N VAL C 114 -28.73 12.22 5.58
CA VAL C 114 -29.83 12.14 4.62
C VAL C 114 -30.72 10.92 4.82
N LEU C 115 -30.20 9.91 5.52
CA LEU C 115 -30.93 8.66 5.73
C LEU C 115 -31.94 8.73 6.89
N LEU C 116 -31.82 9.75 7.74
CA LEU C 116 -32.72 9.92 8.88
C LEU C 116 -34.08 10.43 8.42
N PRO C 117 -35.16 10.07 9.14
CA PRO C 117 -36.53 10.44 8.69
C PRO C 117 -36.90 11.93 8.82
N LYS C 118 -38.14 12.28 8.43
CA LYS C 118 -38.68 13.67 8.44
C LYS C 118 -37.94 14.61 7.46
N LYS C 119 -37.67 15.84 7.90
CA LYS C 119 -36.81 16.77 7.14
C LYS C 119 -35.56 17.20 7.93
N LYS D 31 4.68 -29.74 23.83
CA LYS D 31 6.04 -29.31 24.30
C LYS D 31 6.56 -28.10 23.51
N THR D 32 5.85 -27.73 22.44
CA THR D 32 6.29 -26.66 21.52
C THR D 32 6.46 -25.32 22.26
N ARG D 33 7.41 -24.51 21.81
CA ARG D 33 7.59 -23.17 22.38
C ARG D 33 7.18 -22.09 21.37
N LYS D 34 6.58 -21.02 21.89
CA LYS D 34 6.25 -19.83 21.09
C LYS D 34 6.16 -18.61 22.00
N GLU D 35 6.98 -17.61 21.70
CA GLU D 35 7.02 -16.40 22.49
C GLU D 35 5.94 -15.41 22.08
N SER D 36 5.48 -14.61 23.04
CA SER D 36 4.60 -13.48 22.76
C SER D 36 4.87 -12.37 23.76
N TYR D 37 4.38 -11.17 23.45
CA TYR D 37 4.49 -10.02 24.33
C TYR D 37 3.39 -9.94 25.37
N ALA D 38 2.57 -10.98 25.47
CA ALA D 38 1.47 -11.05 26.44
C ALA D 38 1.78 -10.56 27.86
N ILE D 39 2.88 -11.04 28.43
CA ILE D 39 3.17 -10.74 29.83
C ILE D 39 3.54 -9.27 30.05
N TYR D 40 4.11 -8.66 29.02
CA TYR D 40 4.49 -7.25 29.08
C TYR D 40 3.33 -6.34 28.82
N VAL D 41 2.43 -6.76 27.92
CA VAL D 41 1.20 -6.02 27.64
C VAL D 41 0.35 -5.96 28.92
N TYR D 42 0.32 -7.08 29.63
CA TYR D 42 -0.45 -7.21 30.85
C TYR D 42 0.10 -6.33 31.99
N LYS D 43 1.43 -6.23 32.11
CA LYS D 43 2.09 -5.34 33.07
C LYS D 43 1.71 -3.90 32.83
N VAL D 44 1.90 -3.45 31.58
CA VAL D 44 1.49 -2.11 31.21
C VAL D 44 0.02 -1.90 31.53
N LEU D 45 -0.83 -2.88 31.21
CA LEU D 45 -2.26 -2.74 31.48
C LEU D 45 -2.50 -2.53 32.98
N LYS D 46 -1.73 -3.24 33.79
CA LYS D 46 -1.88 -3.17 35.24
C LYS D 46 -1.43 -1.82 35.77
N GLN D 47 -0.49 -1.17 35.07
CA GLN D 47 -0.10 0.21 35.41
C GLN D 47 -1.18 1.23 35.11
N VAL D 48 -1.89 1.08 33.99
CA VAL D 48 -2.83 2.11 33.57
C VAL D 48 -4.22 1.91 34.11
N HIS D 49 -4.61 0.65 34.28
CA HIS D 49 -5.94 0.33 34.74
C HIS D 49 -5.81 -0.85 35.66
N PRO D 50 -5.51 -0.58 36.95
CA PRO D 50 -5.17 -1.63 37.93
C PRO D 50 -6.24 -2.70 38.07
N ASP D 51 -7.50 -2.37 37.84
CA ASP D 51 -8.58 -3.35 38.09
C ASP D 51 -9.24 -3.92 36.82
N THR D 52 -8.57 -3.77 35.68
CA THR D 52 -9.13 -4.09 34.36
C THR D 52 -8.38 -5.28 33.82
N GLY D 53 -9.11 -6.33 33.45
CA GLY D 53 -8.47 -7.45 32.74
C GLY D 53 -8.56 -7.30 31.22
N ILE D 54 -8.16 -8.35 30.50
CA ILE D 54 -8.16 -8.38 29.05
C ILE D 54 -8.48 -9.83 28.56
N SER D 55 -9.38 -9.96 27.58
CA SER D 55 -9.71 -11.30 27.05
C SER D 55 -8.53 -11.84 26.26
N SER D 56 -8.52 -13.16 26.05
CA SER D 56 -7.44 -13.77 25.29
C SER D 56 -7.45 -13.32 23.82
N LYS D 57 -8.62 -13.04 23.26
CA LYS D 57 -8.67 -12.50 21.88
C LYS D 57 -8.15 -11.06 21.79
N ALA D 58 -8.51 -10.23 22.79
CA ALA D 58 -7.94 -8.88 22.89
C ALA D 58 -6.43 -8.92 23.01
N MET D 59 -5.91 -9.82 23.80
CA MET D 59 -4.46 -9.93 23.97
C MET D 59 -3.76 -10.31 22.65
N SER D 60 -4.44 -11.17 21.89
CA SER D 60 -3.96 -11.61 20.59
C SER D 60 -3.85 -10.44 19.62
N ILE D 61 -4.86 -9.60 19.61
CA ILE D 61 -4.81 -8.35 18.87
C ILE D 61 -3.64 -7.48 19.33
N MET D 62 -3.40 -7.45 20.65
CA MET D 62 -2.32 -6.58 21.18
C MET D 62 -1.00 -7.18 20.78
N ASN D 63 -0.89 -8.51 20.80
CA ASN D 63 0.35 -9.13 20.32
C ASN D 63 0.59 -8.86 18.80
N SER D 64 -0.46 -8.94 18.00
CA SER D 64 -0.30 -8.59 16.54
C SER D 64 0.11 -7.11 16.42
N PHE D 65 -0.53 -6.26 17.20
CA PHE D 65 -0.21 -4.84 17.16
C PHE D 65 1.26 -4.57 17.41
N VAL D 66 1.82 -5.18 18.44
CA VAL D 66 3.24 -4.95 18.77
C VAL D 66 4.18 -5.48 17.70
N ASN D 67 3.97 -6.72 17.30
CA ASN D 67 4.72 -7.31 16.17
C ASN D 67 4.64 -6.46 14.94
N ASP D 68 3.46 -5.97 14.60
CA ASP D 68 3.28 -5.16 13.38
C ASP D 68 4.10 -3.86 13.45
N VAL D 69 3.99 -3.15 14.58
CA VAL D 69 4.74 -1.90 14.78
C VAL D 69 6.25 -2.18 14.91
N PHE D 70 6.64 -3.26 15.58
CA PHE D 70 8.06 -3.66 15.52
C PHE D 70 8.59 -3.74 14.05
N GLU D 71 7.90 -4.50 13.20
CA GLU D 71 8.39 -4.75 11.82
C GLU D 71 8.39 -3.49 11.00
N ARG D 72 7.38 -2.64 11.17
CA ARG D 72 7.35 -1.37 10.44
C ARG D 72 8.49 -0.44 10.80
N ILE D 73 8.74 -0.26 12.10
CA ILE D 73 9.86 0.60 12.54
C ILE D 73 11.20 0.00 12.13
N ALA D 74 11.37 -1.30 12.36
CA ALA D 74 12.62 -1.97 12.03
C ALA D 74 12.84 -1.94 10.50
N GLY D 75 11.75 -2.10 9.75
CA GLY D 75 11.79 -2.01 8.28
C GLY D 75 12.24 -0.64 7.83
N GLU D 76 11.54 0.41 8.26
CA GLU D 76 12.02 1.79 8.01
C GLU D 76 13.48 2.00 8.46
N ALA D 77 13.86 1.45 9.61
CA ALA D 77 15.23 1.66 10.11
C ALA D 77 16.23 0.98 9.19
N SER D 78 15.89 -0.22 8.74
CA SER D 78 16.68 -0.93 7.72
C SER D 78 16.94 -0.14 6.45
N ARG D 79 15.89 0.42 5.85
CA ARG D 79 15.99 1.16 4.59
C ARG D 79 16.83 2.40 4.80
N LEU D 80 16.58 3.06 5.92
CA LEU D 80 17.29 4.27 6.30
C LEU D 80 18.81 4.07 6.39
N ALA D 81 19.23 3.00 7.05
CA ALA D 81 20.63 2.63 7.11
C ALA D 81 21.14 2.39 5.68
N HIS D 82 20.46 1.50 4.94
CA HIS D 82 20.87 1.21 3.56
C HIS D 82 21.03 2.48 2.76
N TYR D 83 20.06 3.37 2.84
CA TYR D 83 20.10 4.64 2.10
C TYR D 83 21.36 5.45 2.40
N ASN D 84 21.88 5.33 3.62
CA ASN D 84 23.01 6.14 4.06
C ASN D 84 24.33 5.36 4.09
N LYS D 85 24.30 4.16 3.52
CA LYS D 85 25.48 3.27 3.43
C LYS D 85 26.02 2.86 4.80
N ARG D 86 25.15 2.89 5.80
CA ARG D 86 25.47 2.45 7.13
C ARG D 86 25.21 0.98 7.26
N SER D 87 26.05 0.27 8.00
CA SER D 87 25.81 -1.15 8.24
C SER D 87 25.21 -1.39 9.63
N THR D 88 25.03 -0.30 10.37
CA THR D 88 24.55 -0.36 11.76
C THR D 88 23.21 0.33 11.92
N ILE D 89 22.29 -0.34 12.59
CA ILE D 89 21.06 0.31 13.06
C ILE D 89 21.26 0.77 14.51
N THR D 90 21.29 2.08 14.69
CA THR D 90 21.45 2.67 16.02
C THR D 90 20.13 3.32 16.44
N SER D 91 20.08 3.78 17.68
CA SER D 91 18.90 4.45 18.21
C SER D 91 18.53 5.72 17.42
N ARG D 92 19.50 6.29 16.71
CA ARG D 92 19.24 7.40 15.81
C ARG D 92 18.43 6.99 14.54
N GLU D 93 18.65 5.76 14.03
CA GLU D 93 17.80 5.22 12.95
C GLU D 93 16.41 4.89 13.45
N ILE D 94 16.33 4.25 14.61
CA ILE D 94 15.03 3.96 15.24
C ILE D 94 14.26 5.25 15.40
N GLN D 95 14.97 6.32 15.73
CA GLN D 95 14.31 7.59 16.02
C GLN D 95 13.77 8.24 14.75
N THR D 96 14.57 8.27 13.70
CA THR D 96 14.05 8.73 12.39
C THR D 96 12.90 7.85 11.87
N ALA D 97 12.96 6.54 12.08
CA ALA D 97 11.89 5.63 11.62
C ALA D 97 10.59 5.88 12.35
N VAL D 98 10.69 6.26 13.63
CA VAL D 98 9.51 6.63 14.44
C VAL D 98 8.88 7.91 13.91
N ARG D 99 9.71 8.85 13.50
CA ARG D 99 9.22 10.12 12.96
C ARG D 99 8.60 9.96 11.58
N LEU D 100 9.21 9.13 10.74
CA LEU D 100 8.57 8.76 9.46
C LEU D 100 7.27 8.02 9.65
N LEU D 101 7.23 7.08 10.59
CA LEU D 101 6.08 6.18 10.71
C LEU D 101 4.90 6.73 11.51
N LEU D 102 5.17 7.34 12.67
CA LEU D 102 4.10 7.74 13.55
C LEU D 102 3.51 9.08 13.14
N PRO D 103 2.19 9.27 13.33
CA PRO D 103 1.62 10.59 13.09
C PRO D 103 1.95 11.56 14.22
N GLY D 104 2.09 12.84 13.85
CA GLY D 104 2.41 13.97 14.72
C GLY D 104 2.58 13.80 16.21
N GLU D 105 1.47 13.78 16.94
CA GLU D 105 1.54 13.78 18.38
C GLU D 105 2.13 12.50 18.98
N LEU D 106 1.80 11.35 18.39
CA LEU D 106 2.36 10.09 18.84
C LEU D 106 3.84 10.04 18.57
N ALA D 107 4.28 10.62 17.44
CA ALA D 107 5.70 10.64 17.13
C ALA D 107 6.48 11.42 18.21
N LYS D 108 5.99 12.63 18.50
CA LYS D 108 6.58 13.53 19.53
C LYS D 108 6.81 12.81 20.85
N HIS D 109 5.75 12.20 21.39
CA HIS D 109 5.82 11.49 22.65
C HIS D 109 6.61 10.19 22.62
N ALA D 110 6.64 9.49 21.49
CA ALA D 110 7.40 8.25 21.41
C ALA D 110 8.89 8.58 21.37
N VAL D 111 9.22 9.69 20.72
CA VAL D 111 10.59 10.18 20.66
C VAL D 111 11.14 10.49 22.06
N SER D 112 10.40 11.26 22.87
CA SER D 112 10.75 11.51 24.28
C SER D 112 10.99 10.24 25.05
N GLU D 113 9.99 9.36 25.07
CA GLU D 113 10.07 8.10 25.82
C GLU D 113 11.27 7.28 25.40
N GLY D 114 11.55 7.25 24.10
CA GLY D 114 12.71 6.51 23.62
C GLY D 114 14.03 7.13 24.01
N THR D 115 14.15 8.43 23.79
CA THR D 115 15.34 9.20 24.20
C THR D 115 15.56 9.06 25.71
N LYS D 116 14.49 9.23 26.48
CA LYS D 116 14.55 9.07 27.92
C LYS D 116 15.07 7.69 28.31
N ALA D 117 14.55 6.62 27.70
CA ALA D 117 14.98 5.27 28.09
C ALA D 117 16.43 4.97 27.71
N VAL D 118 16.88 5.56 26.60
CA VAL D 118 18.28 5.39 26.17
C VAL D 118 19.26 6.13 27.10
N THR D 119 18.96 7.41 27.37
CA THR D 119 19.70 8.23 28.32
C THR D 119 19.81 7.51 29.68
N LYS D 120 18.68 7.06 30.20
CA LYS D 120 18.67 6.38 31.50
C LYS D 120 19.46 5.08 31.44
N TYR D 121 19.29 4.33 30.36
CA TYR D 121 20.00 3.05 30.18
C TYR D 121 21.52 3.23 30.22
N THR D 122 22.02 4.26 29.56
CA THR D 122 23.45 4.57 29.56
C THR D 122 23.97 4.91 30.97
N SER D 123 23.25 5.75 31.70
CA SER D 123 23.69 6.25 33.01
C SER D 123 23.41 5.34 34.22
N ALA D 124 22.43 4.44 34.10
CA ALA D 124 22.13 3.48 35.17
C ALA D 124 23.24 2.44 35.29
N LYS D 125 23.83 2.10 34.13
CA LYS D 125 24.88 1.08 34.01
C LYS D 125 26.27 1.58 34.47
N PRO E 38 -53.74 -4.74 12.40
CA PRO E 38 -52.33 -5.02 12.71
C PRO E 38 -51.43 -3.79 12.56
N HIS E 39 -50.30 -3.79 13.27
CA HIS E 39 -49.35 -2.68 13.24
C HIS E 39 -48.29 -2.87 12.13
N ARG E 40 -47.90 -1.78 11.48
CA ARG E 40 -46.84 -1.79 10.46
C ARG E 40 -45.90 -0.61 10.57
N TYR E 41 -44.60 -0.89 10.63
CA TYR E 41 -43.62 0.19 10.56
C TYR E 41 -43.50 0.67 9.12
N ARG E 42 -43.24 1.95 8.94
CA ARG E 42 -43.13 2.50 7.60
C ARG E 42 -41.79 2.10 6.96
N PRO E 43 -41.79 1.95 5.61
CA PRO E 43 -40.54 1.55 4.93
C PRO E 43 -39.37 2.47 5.27
N GLY E 44 -38.31 1.89 5.80
CA GLY E 44 -37.13 2.65 6.19
C GLY E 44 -36.91 2.66 7.68
N THR E 45 -37.99 2.52 8.46
CA THR E 45 -37.90 2.52 9.92
C THR E 45 -37.19 1.28 10.41
N VAL E 46 -37.59 0.10 9.94
CA VAL E 46 -36.94 -1.12 10.38
C VAL E 46 -35.52 -1.21 9.84
N ALA E 47 -35.29 -0.68 8.64
CA ALA E 47 -33.93 -0.64 8.10
C ALA E 47 -32.96 0.17 8.99
N LEU E 48 -33.38 1.35 9.43
CA LEU E 48 -32.60 2.17 10.39
C LEU E 48 -32.36 1.47 11.70
N ARG E 49 -33.38 0.80 12.24
CA ARG E 49 -33.24 -0.06 13.41
C ARG E 49 -32.16 -1.12 13.20
N GLU E 50 -32.14 -1.73 12.00
CA GLU E 50 -31.14 -2.75 11.67
C GLU E 50 -29.74 -2.15 11.63
N ILE E 51 -29.61 -0.96 11.06
CA ILE E 51 -28.30 -0.33 11.03
C ILE E 51 -27.75 -0.15 12.45
N ARG E 52 -28.57 0.40 13.36
CA ARG E 52 -28.12 0.64 14.74
C ARG E 52 -27.69 -0.65 15.39
N ARG E 53 -28.51 -1.68 15.20
CA ARG E 53 -28.26 -2.98 15.82
C ARG E 53 -26.96 -3.61 15.38
N TYR E 54 -26.70 -3.66 14.08
CA TYR E 54 -25.49 -4.33 13.60
C TYR E 54 -24.26 -3.45 13.75
N GLN E 55 -24.42 -2.14 13.66
CA GLN E 55 -23.29 -1.25 13.97
C GLN E 55 -22.87 -1.34 15.44
N LYS E 56 -23.78 -1.78 16.31
CA LYS E 56 -23.51 -1.99 17.74
C LYS E 56 -22.82 -3.31 18.04
N SER E 57 -22.98 -4.30 17.16
CA SER E 57 -22.49 -5.63 17.48
C SER E 57 -21.28 -5.93 16.63
N THR E 58 -20.63 -7.05 16.94
CA THR E 58 -19.40 -7.39 16.25
C THR E 58 -19.36 -8.82 15.66
N GLU E 59 -20.42 -9.59 15.80
CA GLU E 59 -20.39 -10.97 15.31
C GLU E 59 -20.43 -11.04 13.77
N LEU E 60 -19.87 -12.10 13.24
CA LEU E 60 -19.93 -12.32 11.79
C LEU E 60 -21.37 -12.44 11.36
N LEU E 61 -21.71 -11.81 10.25
CA LEU E 61 -23.09 -11.74 9.76
C LEU E 61 -23.46 -12.83 8.73
N ILE E 62 -22.45 -13.53 8.20
CA ILE E 62 -22.62 -14.68 7.29
C ILE E 62 -22.44 -15.95 8.11
N ARG E 63 -23.37 -16.88 7.97
CA ARG E 63 -23.26 -18.22 8.58
C ARG E 63 -21.90 -18.87 8.31
N LYS E 64 -21.43 -19.70 9.23
CA LYS E 64 -20.09 -20.21 9.13
C LYS E 64 -19.93 -21.32 8.04
N LEU E 65 -20.80 -22.32 8.07
CA LEU E 65 -20.70 -23.45 7.13
C LEU E 65 -20.72 -23.00 5.66
N PRO E 66 -21.70 -22.19 5.24
CA PRO E 66 -21.69 -21.74 3.85
C PRO E 66 -20.41 -21.03 3.42
N PHE E 67 -19.90 -20.11 4.27
CA PHE E 67 -18.68 -19.43 3.93
C PHE E 67 -17.51 -20.43 3.84
N GLN E 68 -17.44 -21.38 4.75
CA GLN E 68 -16.41 -22.42 4.67
C GLN E 68 -16.45 -23.26 3.32
N ARG E 69 -17.65 -23.64 2.85
CA ARG E 69 -17.77 -24.37 1.55
C ARG E 69 -17.24 -23.54 0.41
N LEU E 70 -17.54 -22.24 0.44
CA LEU E 70 -17.10 -21.31 -0.58
C LEU E 70 -15.58 -21.27 -0.62
N VAL E 71 -14.94 -21.19 0.55
CA VAL E 71 -13.49 -21.15 0.67
C VAL E 71 -12.87 -22.43 0.13
N ARG E 72 -13.42 -23.56 0.57
CA ARG E 72 -13.02 -24.89 0.10
C ARG E 72 -13.14 -25.03 -1.41
N GLU E 73 -14.24 -24.59 -1.99
CA GLU E 73 -14.49 -24.74 -3.43
C GLU E 73 -13.46 -23.96 -4.24
N ILE E 74 -13.42 -22.65 -4.02
CA ILE E 74 -12.39 -21.77 -4.58
C ILE E 74 -10.99 -22.31 -4.45
N ALA E 75 -10.60 -22.73 -3.25
CA ALA E 75 -9.24 -23.23 -3.06
C ALA E 75 -8.97 -24.59 -3.77
N GLN E 76 -10.02 -25.41 -3.90
CA GLN E 76 -9.91 -26.72 -4.58
C GLN E 76 -9.56 -26.45 -6.03
N ASP E 77 -10.23 -25.47 -6.61
CA ASP E 77 -9.90 -24.99 -7.92
C ASP E 77 -8.45 -24.47 -8.10
N PHE E 78 -7.72 -24.19 -6.99
CA PHE E 78 -6.29 -23.82 -7.11
C PHE E 78 -5.39 -25.01 -6.87
N LYS E 79 -5.80 -25.86 -5.94
CA LYS E 79 -4.95 -26.94 -5.51
C LYS E 79 -5.83 -28.00 -4.85
N THR E 80 -5.79 -29.21 -5.39
CA THR E 80 -6.58 -30.32 -4.84
C THR E 80 -5.94 -30.80 -3.54
N ASP E 81 -6.75 -31.47 -2.72
CA ASP E 81 -6.26 -32.10 -1.51
C ASP E 81 -5.77 -31.17 -0.39
N LEU E 82 -6.38 -29.99 -0.26
CA LEU E 82 -6.01 -29.09 0.84
C LEU E 82 -6.90 -29.30 2.05
N ARG E 83 -6.28 -29.24 3.21
CA ARG E 83 -7.00 -29.06 4.47
C ARG E 83 -6.86 -27.60 4.91
N PHE E 84 -7.75 -27.19 5.81
CA PHE E 84 -7.70 -25.87 6.41
C PHE E 84 -7.73 -25.97 7.93
N GLN E 85 -6.78 -25.34 8.60
CA GLN E 85 -6.95 -25.05 10.02
C GLN E 85 -8.22 -24.25 10.14
N SER E 86 -9.02 -24.55 11.15
CA SER E 86 -10.30 -23.87 11.28
C SER E 86 -10.10 -22.37 11.52
N SER E 87 -8.95 -21.97 12.06
CA SER E 87 -8.68 -20.53 12.25
C SER E 87 -8.24 -19.86 10.95
N ALA E 88 -7.79 -20.65 9.97
CA ALA E 88 -7.48 -20.09 8.66
C ALA E 88 -8.75 -19.65 8.00
N VAL E 89 -9.81 -20.44 8.17
CA VAL E 89 -11.12 -20.08 7.60
C VAL E 89 -11.78 -18.89 8.32
N MET E 90 -11.69 -18.87 9.65
CA MET E 90 -12.18 -17.74 10.44
C MET E 90 -11.45 -16.43 10.10
N ALA E 91 -10.14 -16.50 9.87
CA ALA E 91 -9.35 -15.33 9.46
C ALA E 91 -9.82 -14.83 8.11
N LEU E 92 -10.13 -15.76 7.19
CA LEU E 92 -10.67 -15.38 5.88
C LEU E 92 -12.02 -14.78 6.02
N GLN E 93 -12.84 -15.31 6.94
CA GLN E 93 -14.17 -14.71 7.13
C GLN E 93 -14.12 -13.33 7.80
N GLU E 94 -13.19 -13.13 8.73
CA GLU E 94 -13.11 -11.81 9.39
C GLU E 94 -12.65 -10.80 8.34
N ALA E 95 -11.58 -11.12 7.63
CA ALA E 95 -11.14 -10.24 6.55
C ALA E 95 -12.22 -9.98 5.54
N SER E 96 -13.02 -11.00 5.17
CA SER E 96 -13.95 -10.82 4.04
C SER E 96 -15.07 -9.90 4.41
N GLU E 97 -15.64 -10.12 5.59
CA GLU E 97 -16.76 -9.31 6.06
C GLU E 97 -16.31 -7.85 6.27
N ALA E 98 -15.09 -7.62 6.77
CA ALA E 98 -14.61 -6.25 6.98
C ALA E 98 -14.42 -5.61 5.65
N TYR E 99 -13.84 -6.36 4.70
CA TYR E 99 -13.76 -5.84 3.32
C TYR E 99 -15.13 -5.42 2.82
N LEU E 100 -16.13 -6.23 3.08
CA LEU E 100 -17.44 -5.93 2.47
C LEU E 100 -18.20 -4.82 3.16
N VAL E 101 -18.17 -4.83 4.49
CA VAL E 101 -18.73 -3.70 5.25
C VAL E 101 -18.18 -2.34 4.78
N ALA E 102 -16.88 -2.20 4.67
CA ALA E 102 -16.26 -0.91 4.33
C ALA E 102 -16.48 -0.57 2.88
N LEU E 103 -16.66 -1.59 2.03
CA LEU E 103 -17.04 -1.34 0.62
C LEU E 103 -18.47 -0.83 0.55
N PHE E 104 -19.35 -1.36 1.35
CA PHE E 104 -20.72 -0.83 1.39
C PHE E 104 -20.79 0.61 1.89
N GLU E 105 -19.93 0.97 2.87
CA GLU E 105 -19.83 2.39 3.31
C GLU E 105 -19.47 3.27 2.13
N ASP E 106 -18.43 2.89 1.40
CA ASP E 106 -18.02 3.67 0.21
C ASP E 106 -19.11 3.72 -0.86
N THR E 107 -19.85 2.61 -0.99
CA THR E 107 -20.91 2.51 -1.97
C THR E 107 -22.06 3.41 -1.60
N ASN E 108 -22.45 3.34 -0.32
CA ASN E 108 -23.42 4.26 0.24
C ASN E 108 -23.09 5.72 -0.06
N LEU E 109 -21.83 6.11 0.11
CA LEU E 109 -21.43 7.51 -0.17
C LEU E 109 -21.57 7.83 -1.65
N CYS E 110 -21.33 6.82 -2.49
CA CYS E 110 -21.55 6.97 -3.94
C CYS E 110 -23.02 7.14 -4.32
N ALA E 111 -23.92 6.32 -3.79
CA ALA E 111 -25.36 6.51 -3.96
C ALA E 111 -25.80 7.89 -3.50
N ILE E 112 -25.47 8.25 -2.27
CA ILE E 112 -25.84 9.57 -1.72
C ILE E 112 -25.28 10.69 -2.57
N HIS E 113 -24.07 10.51 -3.09
CA HIS E 113 -23.51 11.48 -4.06
C HIS E 113 -24.40 11.64 -5.31
N ALA E 114 -25.10 10.58 -5.71
CA ALA E 114 -25.99 10.69 -6.86
C ALA E 114 -27.40 11.13 -6.45
N LYS E 115 -27.55 11.62 -5.20
CA LYS E 115 -28.85 12.06 -4.68
C LYS E 115 -29.88 10.94 -4.52
N ARG E 116 -29.39 9.74 -4.23
CA ARG E 116 -30.22 8.59 -3.96
C ARG E 116 -29.92 8.06 -2.54
N VAL E 117 -30.79 7.19 -2.06
CA VAL E 117 -30.62 6.52 -0.77
C VAL E 117 -30.47 5.01 -1.01
N THR E 118 -30.61 4.59 -2.26
CA THR E 118 -30.56 3.17 -2.63
C THR E 118 -29.20 2.88 -3.26
N ILE E 119 -28.49 1.88 -2.76
CA ILE E 119 -27.22 1.52 -3.39
C ILE E 119 -27.52 0.64 -4.64
N MET E 120 -26.75 0.85 -5.71
CA MET E 120 -26.92 0.12 -6.99
C MET E 120 -25.59 -0.45 -7.44
N PRO E 121 -25.59 -1.45 -8.35
CA PRO E 121 -24.29 -1.99 -8.79
C PRO E 121 -23.33 -0.91 -9.26
N LYS E 122 -23.85 0.15 -9.85
CA LYS E 122 -23.01 1.23 -10.36
C LYS E 122 -22.31 2.02 -9.23
N ASP E 123 -22.92 2.06 -8.04
CA ASP E 123 -22.28 2.66 -6.87
C ASP E 123 -21.08 1.81 -6.45
N ILE E 124 -21.25 0.50 -6.38
CA ILE E 124 -20.16 -0.42 -6.04
C ILE E 124 -19.02 -0.34 -7.03
N GLN E 125 -19.35 -0.15 -8.31
CA GLN E 125 -18.37 -0.13 -9.37
C GLN E 125 -17.60 1.17 -9.35
N LEU E 126 -18.29 2.29 -9.09
CA LEU E 126 -17.54 3.54 -8.90
C LEU E 126 -16.59 3.40 -7.71
N ALA E 127 -17.08 2.89 -6.58
CA ALA E 127 -16.26 2.76 -5.38
C ALA E 127 -15.00 1.97 -5.69
N ARG E 128 -15.16 0.81 -6.34
CA ARG E 128 -14.00 -0.05 -6.59
C ARG E 128 -13.04 0.57 -7.58
N ARG E 129 -13.57 1.33 -8.54
CA ARG E 129 -12.71 2.02 -9.50
C ARG E 129 -11.86 3.09 -8.83
N ILE E 130 -12.48 3.89 -7.96
CA ILE E 130 -11.74 4.96 -7.29
C ILE E 130 -10.72 4.37 -6.32
N ARG E 131 -11.06 3.23 -5.71
CA ARG E 131 -10.14 2.51 -4.84
C ARG E 131 -8.96 1.91 -5.58
N GLY E 132 -9.05 1.80 -6.91
CA GLY E 132 -8.00 1.14 -7.68
C GLY E 132 -8.10 -0.38 -7.65
N GLU E 133 -9.32 -0.90 -7.46
CA GLU E 133 -9.58 -2.34 -7.51
C GLU E 133 -9.98 -2.81 -8.92
N ARG E 134 -10.30 -1.87 -9.80
CA ARG E 134 -10.74 -2.17 -11.19
C ARG E 134 -10.40 -0.99 -12.11
N LYS F 16 -11.71 -42.37 3.41
CA LYS F 16 -12.71 -41.84 2.45
C LYS F 16 -13.31 -42.92 1.55
N ARG F 17 -14.61 -43.16 1.73
CA ARG F 17 -15.42 -43.82 0.71
C ARG F 17 -16.01 -42.71 -0.16
N HIS F 18 -15.23 -42.28 -1.16
CA HIS F 18 -15.55 -41.15 -2.06
C HIS F 18 -14.86 -39.82 -1.69
N ARG F 19 -15.45 -38.74 -2.19
CA ARG F 19 -15.05 -37.35 -1.95
C ARG F 19 -16.16 -36.49 -2.60
N LYS F 20 -16.67 -35.49 -1.88
CA LYS F 20 -17.82 -34.70 -2.35
C LYS F 20 -17.45 -33.64 -3.40
N VAL F 21 -18.40 -33.32 -4.28
CA VAL F 21 -18.17 -32.36 -5.35
C VAL F 21 -18.80 -31.01 -4.97
N LEU F 22 -17.98 -29.97 -4.97
CA LEU F 22 -18.42 -28.63 -4.59
C LEU F 22 -18.80 -27.84 -5.80
N ARG F 23 -20.04 -27.38 -5.85
CA ARG F 23 -20.52 -26.55 -6.93
C ARG F 23 -21.47 -25.45 -6.44
N ASP F 24 -21.33 -24.26 -7.00
CA ASP F 24 -22.27 -23.16 -6.77
C ASP F 24 -22.33 -22.70 -5.29
N ASN F 25 -21.27 -22.90 -4.55
CA ASN F 25 -21.30 -22.57 -3.13
C ASN F 25 -21.44 -21.08 -2.79
N ILE F 26 -21.18 -20.23 -3.79
CA ILE F 26 -21.39 -18.79 -3.68
C ILE F 26 -22.83 -18.42 -3.39
N GLN F 27 -23.77 -19.28 -3.79
CA GLN F 27 -25.18 -19.00 -3.55
C GLN F 27 -25.54 -19.34 -2.10
N GLY F 28 -24.58 -19.90 -1.37
CA GLY F 28 -24.69 -20.08 0.07
C GLY F 28 -24.54 -18.76 0.82
N ILE F 29 -24.14 -17.71 0.11
CA ILE F 29 -24.13 -16.36 0.66
C ILE F 29 -25.46 -15.72 0.30
N THR F 30 -26.39 -15.78 1.24
CA THR F 30 -27.78 -15.44 0.98
C THR F 30 -27.99 -13.93 0.91
N LYS F 31 -29.15 -13.56 0.37
CA LYS F 31 -29.55 -12.19 0.35
C LYS F 31 -29.65 -11.54 1.77
N PRO F 32 -30.17 -12.27 2.78
CA PRO F 32 -30.23 -11.57 4.08
C PRO F 32 -28.85 -11.40 4.71
N ALA F 33 -27.95 -12.34 4.51
CA ALA F 33 -26.60 -12.18 5.01
C ALA F 33 -25.94 -10.94 4.39
N ILE F 34 -26.10 -10.76 3.07
CA ILE F 34 -25.56 -9.62 2.36
C ILE F 34 -26.22 -8.32 2.82
N ARG F 35 -27.54 -8.35 3.05
CA ARG F 35 -28.25 -7.25 3.65
C ARG F 35 -27.71 -6.85 5.07
N ARG F 36 -27.42 -7.82 5.93
CA ARG F 36 -26.82 -7.53 7.26
C ARG F 36 -25.48 -6.82 7.15
N LEU F 37 -24.64 -7.23 6.21
CA LEU F 37 -23.36 -6.60 5.97
C LEU F 37 -23.55 -5.16 5.48
N ALA F 38 -24.59 -4.94 4.69
CA ALA F 38 -24.88 -3.59 4.21
C ALA F 38 -25.38 -2.69 5.35
N ARG F 39 -26.20 -3.25 6.21
CA ARG F 39 -26.68 -2.58 7.41
C ARG F 39 -25.48 -2.13 8.28
N ARG F 40 -24.61 -3.05 8.68
CA ARG F 40 -23.36 -2.66 9.37
C ARG F 40 -22.56 -1.60 8.63
N GLY F 41 -22.63 -1.61 7.31
CA GLY F 41 -21.99 -0.59 6.47
C GLY F 41 -22.80 0.67 6.38
N GLY F 42 -23.96 0.71 7.00
CA GLY F 42 -24.72 1.97 7.06
C GLY F 42 -25.74 2.19 5.97
N VAL F 43 -26.06 1.10 5.24
CA VAL F 43 -26.95 1.18 4.09
C VAL F 43 -28.42 1.05 4.49
N LYS F 44 -29.23 1.97 4.01
CA LYS F 44 -30.64 1.99 4.37
C LYS F 44 -31.51 1.24 3.35
N ARG F 45 -31.16 1.32 2.06
CA ARG F 45 -31.98 0.78 0.98
C ARG F 45 -31.14 0.13 -0.10
N ILE F 46 -31.60 -1.02 -0.58
CA ILE F 46 -30.77 -1.89 -1.41
C ILE F 46 -31.52 -2.34 -2.66
N SER F 47 -30.92 -2.06 -3.81
CA SER F 47 -31.47 -2.44 -5.11
C SER F 47 -31.34 -3.94 -5.36
N GLY F 48 -32.29 -4.51 -6.09
CA GLY F 48 -32.35 -5.96 -6.33
C GLY F 48 -31.09 -6.61 -6.88
N LEU F 49 -30.34 -5.85 -7.66
CA LEU F 49 -29.15 -6.38 -8.33
C LEU F 49 -27.89 -6.37 -7.47
N ILE F 50 -27.98 -5.77 -6.28
CA ILE F 50 -26.81 -5.73 -5.38
C ILE F 50 -26.33 -7.12 -5.01
N TYR F 51 -27.26 -8.04 -4.84
CA TYR F 51 -26.88 -9.34 -4.28
C TYR F 51 -25.96 -10.12 -5.19
N GLU F 52 -26.24 -10.09 -6.49
CA GLU F 52 -25.33 -10.78 -7.42
C GLU F 52 -24.04 -10.00 -7.60
N GLU F 53 -24.15 -8.68 -7.66
CA GLU F 53 -22.94 -7.86 -7.71
C GLU F 53 -21.98 -8.16 -6.54
N THR F 54 -22.53 -8.24 -5.32
CA THR F 54 -21.72 -8.51 -4.12
C THR F 54 -21.14 -9.89 -4.15
N ARG F 55 -21.95 -10.88 -4.52
CA ARG F 55 -21.39 -12.24 -4.69
C ARG F 55 -20.14 -12.23 -5.61
N GLY F 56 -20.19 -11.46 -6.68
CA GLY F 56 -19.05 -11.43 -7.63
C GLY F 56 -17.83 -10.74 -7.08
N VAL F 57 -18.03 -9.67 -6.31
CA VAL F 57 -16.95 -8.97 -5.60
C VAL F 57 -16.33 -9.85 -4.52
N LEU F 58 -17.15 -10.51 -3.69
CA LEU F 58 -16.61 -11.42 -2.66
C LEU F 58 -15.78 -12.58 -3.28
N LYS F 59 -16.28 -13.12 -4.38
CA LYS F 59 -15.57 -14.23 -5.05
C LYS F 59 -14.20 -13.76 -5.54
N VAL F 60 -14.14 -12.60 -6.16
CA VAL F 60 -12.84 -12.00 -6.56
C VAL F 60 -11.92 -11.83 -5.37
N PHE F 61 -12.44 -11.26 -4.28
CA PHE F 61 -11.62 -11.01 -3.11
C PHE F 61 -11.06 -12.30 -2.57
N LEU F 62 -11.92 -13.29 -2.38
CA LEU F 62 -11.42 -14.58 -1.86
C LEU F 62 -10.42 -15.27 -2.77
N GLU F 63 -10.67 -15.22 -4.08
CA GLU F 63 -9.74 -15.85 -5.05
C GLU F 63 -8.38 -15.23 -4.87
N ASN F 64 -8.32 -13.90 -4.82
CA ASN F 64 -7.01 -13.21 -4.67
C ASN F 64 -6.28 -13.61 -3.41
N VAL F 65 -7.02 -13.72 -2.31
CA VAL F 65 -6.35 -13.95 -1.02
C VAL F 65 -6.06 -15.42 -0.92
N ILE F 66 -7.04 -16.25 -1.29
CA ILE F 66 -6.82 -17.71 -1.22
C ILE F 66 -5.64 -18.08 -2.11
N ARG F 67 -5.55 -17.48 -3.29
CA ARG F 67 -4.42 -17.76 -4.20
C ARG F 67 -3.07 -17.53 -3.55
N ASP F 68 -2.91 -16.41 -2.84
CA ASP F 68 -1.64 -16.11 -2.15
C ASP F 68 -1.44 -17.01 -0.95
N ALA F 69 -2.50 -17.30 -0.19
CA ALA F 69 -2.39 -18.21 0.96
C ALA F 69 -1.93 -19.60 0.53
N VAL F 70 -2.58 -20.13 -0.51
CA VAL F 70 -2.20 -21.45 -1.07
C VAL F 70 -0.76 -21.46 -1.60
N THR F 71 -0.29 -20.34 -2.12
CA THR F 71 1.10 -20.27 -2.59
C THR F 71 2.14 -20.39 -1.47
N TYR F 72 1.86 -19.74 -0.33
CA TYR F 72 2.69 -19.92 0.88
C TYR F 72 2.63 -21.35 1.40
N THR F 73 1.45 -21.96 1.36
CA THR F 73 1.28 -23.34 1.80
C THR F 73 2.14 -24.29 0.97
N GLU F 74 2.02 -24.19 -0.36
CA GLU F 74 2.79 -25.04 -1.28
C GLU F 74 4.28 -24.79 -1.14
N HIS F 75 4.66 -23.53 -1.03
CA HIS F 75 6.07 -23.20 -0.81
C HIS F 75 6.64 -23.88 0.42
N ALA F 76 5.82 -24.02 1.46
CA ALA F 76 6.24 -24.64 2.69
C ALA F 76 6.11 -26.16 2.61
N LYS F 77 5.71 -26.67 1.44
CA LYS F 77 5.45 -28.10 1.26
C LYS F 77 4.47 -28.63 2.30
N ARG F 78 3.36 -27.93 2.48
CA ARG F 78 2.31 -28.36 3.37
C ARG F 78 1.04 -28.62 2.58
N LYS F 79 0.11 -29.37 3.16
CA LYS F 79 -1.17 -29.65 2.54
C LYS F 79 -2.31 -29.03 3.33
N THR F 80 -1.95 -28.34 4.41
CA THR F 80 -2.90 -27.63 5.28
C THR F 80 -2.66 -26.12 5.18
N VAL F 81 -3.71 -25.40 4.83
CA VAL F 81 -3.62 -23.95 4.82
C VAL F 81 -3.69 -23.46 6.29
N THR F 82 -2.64 -22.81 6.76
CA THR F 82 -2.61 -22.32 8.15
C THR F 82 -3.15 -20.89 8.24
N ALA F 83 -3.51 -20.48 9.46
CA ALA F 83 -3.95 -19.12 9.70
C ALA F 83 -2.84 -18.17 9.31
N MET F 84 -1.60 -18.54 9.59
CA MET F 84 -0.47 -17.70 9.19
C MET F 84 -0.38 -17.58 7.68
N ASP F 85 -0.74 -18.62 6.94
CA ASP F 85 -0.69 -18.51 5.46
C ASP F 85 -1.65 -17.41 5.03
N VAL F 86 -2.82 -17.37 5.66
CA VAL F 86 -3.86 -16.39 5.35
C VAL F 86 -3.44 -14.99 5.79
N VAL F 87 -2.89 -14.89 7.00
CA VAL F 87 -2.43 -13.60 7.56
C VAL F 87 -1.37 -12.97 6.67
N TYR F 88 -0.35 -13.75 6.30
CA TYR F 88 0.66 -13.26 5.37
C TYR F 88 0.12 -12.84 4.01
N ALA F 89 -0.89 -13.58 3.52
CA ALA F 89 -1.53 -13.24 2.25
C ALA F 89 -2.28 -11.93 2.37
N LEU F 90 -2.99 -11.74 3.47
CA LEU F 90 -3.74 -10.52 3.66
C LEU F 90 -2.81 -9.34 3.80
N LYS F 91 -1.71 -9.53 4.51
CA LYS F 91 -0.72 -8.47 4.68
C LYS F 91 -0.15 -8.08 3.32
N ARG F 92 0.13 -9.09 2.48
CA ARG F 92 0.66 -8.88 1.12
C ARG F 92 -0.22 -7.98 0.35
N GLN F 93 -1.51 -8.13 0.54
CA GLN F 93 -2.44 -7.30 -0.20
C GLN F 93 -2.82 -6.01 0.49
N GLY F 94 -2.11 -5.64 1.56
CA GLY F 94 -2.39 -4.37 2.27
C GLY F 94 -3.74 -4.46 2.94
N ARG F 95 -4.05 -5.65 3.48
CA ARG F 95 -5.27 -5.91 4.22
C ARG F 95 -4.92 -6.52 5.58
N THR F 96 -3.83 -6.06 6.20
CA THR F 96 -3.33 -6.61 7.46
C THR F 96 -4.46 -6.95 8.41
N LEU F 97 -4.39 -8.13 8.98
CA LEU F 97 -5.41 -8.55 9.93
C LEU F 97 -4.76 -8.82 11.28
N TYR F 98 -5.43 -8.38 12.34
CA TYR F 98 -4.94 -8.62 13.70
C TYR F 98 -5.80 -9.61 14.40
N GLY F 99 -5.19 -10.50 15.15
CA GLY F 99 -5.92 -11.37 16.04
C GLY F 99 -5.79 -12.85 15.71
N PHE F 100 -4.85 -13.20 14.85
CA PHE F 100 -4.77 -14.59 14.34
C PHE F 100 -3.35 -15.08 14.24
N GLY F 101 -2.42 -14.41 14.94
CA GLY F 101 -1.04 -14.86 14.95
C GLY F 101 -0.06 -13.89 14.33
N GLY F 102 -0.55 -12.78 13.79
CA GLY F 102 0.33 -11.68 13.38
C GLY F 102 -0.52 -10.51 12.92
N ALA G 14 38.36 -18.30 -17.30
CA ALA G 14 37.89 -16.95 -16.85
C ALA G 14 36.61 -16.52 -17.61
N LYS G 15 35.47 -17.07 -17.19
CA LYS G 15 34.19 -16.80 -17.86
C LYS G 15 33.10 -16.32 -16.88
N THR G 16 32.44 -15.23 -17.25
CA THR G 16 31.36 -14.62 -16.45
C THR G 16 30.20 -15.59 -16.21
N ARG G 17 29.56 -15.47 -15.06
CA ARG G 17 28.37 -16.26 -14.77
C ARG G 17 27.18 -15.86 -15.63
N SER G 18 27.17 -14.62 -16.13
CA SER G 18 26.16 -14.15 -17.08
C SER G 18 26.24 -14.95 -18.38
N SER G 19 27.44 -15.06 -18.95
CA SER G 19 27.64 -15.85 -20.17
C SER G 19 27.35 -17.32 -19.94
N ARG G 20 27.73 -17.84 -18.78
CA ARG G 20 27.42 -19.22 -18.40
C ARG G 20 25.91 -19.50 -18.35
N ALA G 21 25.15 -18.51 -17.87
CA ALA G 21 23.70 -18.63 -17.75
C ALA G 21 22.99 -18.16 -19.01
N GLY G 22 23.76 -17.54 -19.91
CA GLY G 22 23.22 -17.09 -21.20
C GLY G 22 22.46 -15.79 -21.11
N LEU G 23 22.96 -14.88 -20.28
CA LEU G 23 22.22 -13.66 -19.97
C LEU G 23 23.01 -12.41 -20.31
N GLN G 24 22.28 -11.35 -20.63
CA GLN G 24 22.84 -10.01 -20.76
C GLN G 24 23.01 -9.35 -19.40
N PHE G 25 22.11 -9.67 -18.46
CA PHE G 25 22.08 -9.03 -17.13
C PHE G 25 23.12 -9.62 -16.20
N PRO G 26 23.74 -8.77 -15.34
CA PRO G 26 24.94 -9.15 -14.60
C PRO G 26 24.64 -10.00 -13.38
N VAL G 27 24.86 -11.32 -13.50
CA VAL G 27 24.58 -12.27 -12.44
C VAL G 27 25.48 -12.00 -11.23
N GLY G 28 26.69 -11.50 -11.50
CA GLY G 28 27.66 -11.20 -10.47
C GLY G 28 27.22 -10.03 -9.61
N ARG G 29 26.85 -8.93 -10.25
CA ARG G 29 26.33 -7.76 -9.57
C ARG G 29 25.07 -8.09 -8.77
N VAL G 30 24.17 -8.89 -9.36
CA VAL G 30 22.93 -9.29 -8.72
C VAL G 30 23.24 -10.10 -7.46
N HIS G 31 24.31 -10.86 -7.50
CA HIS G 31 24.69 -11.68 -6.36
C HIS G 31 25.08 -10.78 -5.20
N ARG G 32 25.97 -9.85 -5.47
CA ARG G 32 26.47 -8.87 -4.50
C ARG G 32 25.31 -8.12 -3.86
N LEU G 33 24.44 -7.56 -4.70
CA LEU G 33 23.31 -6.78 -4.23
C LEU G 33 22.37 -7.56 -3.33
N LEU G 34 22.24 -8.87 -3.56
CA LEU G 34 21.47 -9.73 -2.67
C LEU G 34 22.16 -9.99 -1.33
N ARG G 35 23.49 -10.03 -1.32
CA ARG G 35 24.24 -10.26 -0.08
C ARG G 35 24.15 -9.04 0.82
N LYS G 36 24.50 -7.89 0.26
CA LYS G 36 24.64 -6.68 1.02
C LYS G 36 23.31 -5.97 1.22
N GLY G 37 22.21 -6.66 0.90
CA GLY G 37 20.88 -6.08 1.02
C GLY G 37 20.15 -6.56 2.27
N ASN G 38 20.80 -7.41 3.05
CA ASN G 38 20.23 -7.96 4.30
C ASN G 38 18.93 -8.71 4.08
N TYR G 39 18.90 -9.49 3.01
CA TYR G 39 17.69 -10.21 2.66
C TYR G 39 17.61 -11.54 3.42
N ALA G 40 18.76 -12.15 3.62
CA ALA G 40 18.92 -13.33 4.50
C ALA G 40 20.40 -13.56 4.73
N GLU G 41 20.73 -14.37 5.74
CA GLU G 41 22.12 -14.72 6.09
C GLU G 41 22.91 -15.32 4.93
N ARG G 42 22.26 -16.21 4.16
CA ARG G 42 22.89 -16.92 3.05
C ARG G 42 22.13 -16.76 1.74
N VAL G 43 22.88 -16.71 0.64
CA VAL G 43 22.30 -16.65 -0.70
C VAL G 43 22.85 -17.80 -1.55
N GLY G 44 21.95 -18.64 -2.06
CA GLY G 44 22.32 -19.77 -2.92
C GLY G 44 22.81 -19.40 -4.30
N ALA G 45 23.56 -20.33 -4.90
CA ALA G 45 24.20 -20.11 -6.22
C ALA G 45 23.26 -19.69 -7.33
N GLY G 46 22.08 -20.32 -7.40
CA GLY G 46 21.14 -20.08 -8.50
C GLY G 46 20.21 -18.89 -8.35
N ALA G 47 19.96 -18.47 -7.11
CA ALA G 47 19.10 -17.30 -6.87
C ALA G 47 19.47 -16.07 -7.73
N PRO G 48 20.77 -15.68 -7.76
CA PRO G 48 21.10 -14.51 -8.61
C PRO G 48 20.93 -14.74 -10.11
N VAL G 49 21.10 -15.99 -10.56
CA VAL G 49 20.93 -16.34 -11.97
C VAL G 49 19.46 -16.20 -12.29
N TYR G 50 18.66 -16.87 -11.47
CA TYR G 50 17.21 -16.82 -11.58
C TYR G 50 16.68 -15.37 -11.55
N LEU G 51 17.12 -14.58 -10.57
CA LEU G 51 16.64 -13.20 -10.46
C LEU G 51 17.10 -12.35 -11.63
N ALA G 52 18.37 -12.45 -12.01
CA ALA G 52 18.89 -11.76 -13.21
C ALA G 52 18.06 -12.06 -14.45
N ALA G 53 17.70 -13.33 -14.61
CA ALA G 53 16.91 -13.76 -15.76
C ALA G 53 15.56 -13.08 -15.80
N VAL G 54 14.89 -13.06 -14.66
CA VAL G 54 13.57 -12.41 -14.56
C VAL G 54 13.67 -10.92 -14.88
N LEU G 55 14.70 -10.27 -14.36
CA LEU G 55 14.91 -8.84 -14.58
C LEU G 55 15.16 -8.55 -16.04
N GLU G 56 15.98 -9.40 -16.67
CA GLU G 56 16.26 -9.30 -18.11
C GLU G 56 14.96 -9.49 -18.86
N TYR G 57 14.25 -10.56 -18.52
CA TYR G 57 12.98 -10.84 -19.18
C TYR G 57 12.03 -9.63 -19.18
N LEU G 58 11.87 -8.99 -18.02
CA LEU G 58 10.88 -7.92 -17.89
C LEU G 58 11.34 -6.67 -18.62
N THR G 59 12.64 -6.45 -18.60
CA THR G 59 13.24 -5.36 -19.36
C THR G 59 12.93 -5.55 -20.85
N ALA G 60 13.18 -6.76 -21.35
CA ALA G 60 12.90 -7.10 -22.77
C ALA G 60 11.44 -6.88 -23.09
N GLU G 61 10.56 -7.32 -22.19
CA GLU G 61 9.13 -7.16 -22.38
C GLU G 61 8.73 -5.69 -22.58
N ILE G 62 9.21 -4.81 -21.70
CA ILE G 62 8.90 -3.39 -21.78
C ILE G 62 9.57 -2.73 -22.98
N LEU G 63 10.85 -3.00 -23.18
CA LEU G 63 11.58 -2.42 -24.31
C LEU G 63 10.97 -2.77 -25.68
N GLU G 64 10.54 -4.02 -25.82
CA GLU G 64 9.82 -4.44 -27.02
C GLU G 64 8.65 -3.51 -27.30
N LEU G 65 7.71 -3.46 -26.36
CA LEU G 65 6.49 -2.69 -26.54
C LEU G 65 6.76 -1.21 -26.65
N ALA G 66 7.76 -0.73 -25.90
CA ALA G 66 8.12 0.69 -25.94
C ALA G 66 8.71 0.99 -27.31
N GLY G 67 9.60 0.11 -27.79
CA GLY G 67 10.16 0.21 -29.14
C GLY G 67 9.07 0.29 -30.19
N ASN G 68 8.08 -0.60 -30.10
CA ASN G 68 6.89 -0.57 -30.98
C ASN G 68 6.16 0.76 -30.96
N ALA G 69 6.04 1.37 -29.78
CA ALA G 69 5.34 2.65 -29.65
C ALA G 69 6.14 3.80 -30.24
N ALA G 70 7.47 3.69 -30.19
CA ALA G 70 8.33 4.65 -30.86
C ALA G 70 8.09 4.57 -32.36
N ARG G 71 8.09 3.34 -32.88
CA ARG G 71 7.88 3.07 -34.32
C ARG G 71 6.60 3.72 -34.84
N ASP G 72 5.48 3.49 -34.15
CA ASP G 72 4.17 3.99 -34.57
C ASP G 72 4.10 5.50 -34.57
N ASN G 73 4.96 6.12 -33.77
CA ASN G 73 4.97 7.56 -33.64
C ASN G 73 6.03 8.18 -34.54
N LYS G 74 6.61 7.34 -35.38
CA LYS G 74 7.64 7.70 -36.36
C LYS G 74 8.96 8.17 -35.71
N LYS G 75 9.43 7.41 -34.73
CA LYS G 75 10.64 7.73 -34.01
C LYS G 75 11.53 6.53 -33.76
N THR G 76 12.84 6.76 -33.72
CA THR G 76 13.83 5.68 -33.53
C THR G 76 14.44 5.67 -32.12
N ARG G 77 14.18 6.74 -31.36
CA ARG G 77 14.67 6.85 -29.99
C ARG G 77 13.51 6.74 -29.00
N ILE G 78 13.61 5.77 -28.09
CA ILE G 78 12.63 5.61 -27.02
C ILE G 78 12.77 6.75 -26.00
N ILE G 79 11.69 7.52 -25.82
CA ILE G 79 11.58 8.51 -24.74
C ILE G 79 10.58 8.02 -23.65
N PRO G 80 10.50 8.73 -22.47
CA PRO G 80 9.58 8.32 -21.41
C PRO G 80 8.13 8.12 -21.86
N ARG G 81 7.65 8.96 -22.77
CA ARG G 81 6.30 8.84 -23.32
C ARG G 81 6.02 7.44 -23.88
N HIS G 82 7.01 6.87 -24.58
CA HIS G 82 6.83 5.56 -25.20
C HIS G 82 6.78 4.48 -24.16
N LEU G 83 7.50 4.68 -23.06
CA LEU G 83 7.47 3.74 -21.94
C LEU G 83 6.10 3.72 -21.29
N GLN G 84 5.52 4.92 -21.12
CA GLN G 84 4.20 5.07 -20.51
C GLN G 84 3.12 4.43 -21.38
N LEU G 85 3.19 4.70 -22.68
CA LEU G 85 2.25 4.09 -23.63
C LEU G 85 2.37 2.58 -23.61
N ALA G 86 3.60 2.07 -23.61
CA ALA G 86 3.84 0.64 -23.55
C ALA G 86 3.18 0.04 -22.33
N VAL G 87 3.44 0.65 -21.17
CA VAL G 87 3.03 0.09 -19.88
C VAL G 87 1.51 0.15 -19.69
N ARG G 88 0.92 1.28 -20.02
CA ARG G 88 -0.48 1.48 -19.67
C ARG G 88 -1.47 0.89 -20.67
N ASN G 89 -1.00 0.62 -21.90
CA ASN G 89 -1.80 -0.08 -22.91
C ASN G 89 -1.71 -1.58 -22.77
N ASP G 90 -0.92 -2.02 -21.81
CA ASP G 90 -0.76 -3.44 -21.51
C ASP G 90 -1.33 -3.75 -20.15
N GLU G 91 -2.29 -4.66 -20.11
CA GLU G 91 -3.02 -4.95 -18.90
C GLU G 91 -2.11 -5.43 -17.77
N GLU G 92 -1.18 -6.33 -18.09
CA GLU G 92 -0.29 -6.90 -17.08
C GLU G 92 0.81 -5.93 -16.61
N LEU G 93 1.43 -5.19 -17.52
CA LEU G 93 2.45 -4.22 -17.09
C LEU G 93 1.83 -3.09 -16.30
N ASN G 94 0.64 -2.68 -16.71
CA ASN G 94 -0.13 -1.67 -16.02
C ASN G 94 -0.41 -2.09 -14.58
N LYS G 95 -0.73 -3.36 -14.37
CA LYS G 95 -1.03 -3.82 -13.03
C LYS G 95 0.22 -3.88 -12.14
N LEU G 96 1.31 -4.42 -12.67
CA LEU G 96 2.58 -4.47 -11.94
C LEU G 96 3.08 -3.08 -11.54
N LEU G 97 2.82 -2.10 -12.40
CA LEU G 97 3.23 -0.72 -12.19
C LEU G 97 2.04 0.19 -11.87
N GLY G 98 0.98 -0.38 -11.30
CA GLY G 98 -0.22 0.39 -10.99
C GLY G 98 -0.01 1.50 -9.95
N ARG G 99 1.02 1.40 -9.13
CA ARG G 99 1.28 2.49 -8.20
C ARG G 99 2.62 3.17 -8.44
N VAL G 100 3.02 3.20 -9.70
CA VAL G 100 4.27 3.80 -10.09
C VAL G 100 3.96 4.98 -10.99
N THR G 101 4.80 6.00 -10.94
CA THR G 101 4.64 7.16 -11.80
C THR G 101 5.87 7.22 -12.71
N ILE G 102 5.64 7.30 -14.02
CA ILE G 102 6.73 7.38 -14.98
C ILE G 102 6.85 8.84 -15.31
N ALA G 103 7.94 9.46 -14.90
CA ALA G 103 8.18 10.89 -15.17
C ALA G 103 8.15 11.19 -16.68
N GLN G 104 7.49 12.28 -17.05
CA GLN G 104 7.42 12.73 -18.44
C GLN G 104 6.65 11.72 -19.30
N GLY G 105 5.82 10.92 -18.64
CA GLY G 105 5.06 9.89 -19.31
C GLY G 105 3.79 10.41 -19.92
N GLY G 106 3.18 11.41 -19.27
CA GLY G 106 1.86 11.87 -19.65
C GLY G 106 0.80 10.83 -19.33
N VAL G 107 -0.37 10.99 -19.93
CA VAL G 107 -1.45 10.00 -19.83
C VAL G 107 -1.89 9.46 -21.20
N LEU G 108 -2.74 8.42 -21.18
CA LEU G 108 -3.35 7.90 -22.38
C LEU G 108 -4.46 8.82 -22.84
N PRO G 109 -4.57 9.03 -24.16
CA PRO G 109 -5.74 9.78 -24.60
C PRO G 109 -7.01 9.01 -24.27
N ASN G 110 -7.94 9.66 -23.59
CA ASN G 110 -9.18 9.02 -23.12
C ASN G 110 -10.16 10.10 -22.67
N ILE G 111 -11.26 10.22 -23.43
CA ILE G 111 -12.31 11.17 -23.14
C ILE G 111 -13.58 10.36 -22.91
N GLN G 112 -14.28 10.65 -21.81
CA GLN G 112 -15.50 9.93 -21.45
C GLN G 112 -16.56 10.28 -22.46
N SER G 113 -17.31 9.28 -22.90
CA SER G 113 -18.22 9.45 -24.04
C SER G 113 -19.36 10.43 -23.76
N VAL G 114 -19.80 10.52 -22.51
CA VAL G 114 -20.84 11.47 -22.14
C VAL G 114 -20.39 12.93 -22.33
N LEU G 115 -19.09 13.14 -22.50
CA LEU G 115 -18.53 14.48 -22.71
C LEU G 115 -18.43 14.86 -24.18
N LEU G 116 -18.54 13.88 -25.07
CA LEU G 116 -18.46 14.10 -26.52
C LEU G 116 -19.65 14.91 -27.04
N PRO G 117 -19.42 15.78 -28.04
CA PRO G 117 -20.53 16.58 -28.55
C PRO G 117 -21.57 15.67 -29.20
N LYS G 118 -22.83 16.10 -29.18
CA LYS G 118 -23.95 15.28 -29.66
C LYS G 118 -23.97 15.13 -31.19
N LYS G 119 -23.31 14.08 -31.69
CA LYS G 119 -23.19 13.80 -33.12
C LYS G 119 -24.54 13.56 -33.81
N LYS H 31 33.70 11.86 -8.88
CA LYS H 31 34.88 10.94 -8.82
C LYS H 31 34.44 9.52 -8.48
N THR H 32 33.51 9.40 -7.53
CA THR H 32 32.99 8.08 -7.16
C THR H 32 32.30 7.42 -8.35
N ARG H 33 32.34 6.09 -8.36
CA ARG H 33 31.64 5.31 -9.36
C ARG H 33 30.17 5.26 -9.00
N LYS H 34 29.32 5.47 -10.00
CA LYS H 34 27.89 5.39 -9.84
C LYS H 34 27.40 4.20 -10.67
N GLU H 35 27.09 3.08 -10.00
CA GLU H 35 26.65 1.87 -10.69
C GLU H 35 25.19 1.93 -11.15
N SER H 36 24.89 1.22 -12.23
CA SER H 36 23.66 1.41 -12.99
C SER H 36 23.45 0.18 -13.87
N TYR H 37 22.19 -0.09 -14.21
CA TYR H 37 21.85 -1.21 -15.09
C TYR H 37 21.88 -0.78 -16.55
N ALA H 38 22.27 0.46 -16.79
CA ALA H 38 22.21 1.09 -18.10
C ALA H 38 22.78 0.26 -19.24
N ILE H 39 23.98 -0.28 -19.07
CA ILE H 39 24.60 -1.01 -20.18
C ILE H 39 23.83 -2.28 -20.52
N TYR H 40 23.32 -2.95 -19.50
CA TYR H 40 22.59 -4.19 -19.70
C TYR H 40 21.22 -3.93 -20.26
N VAL H 41 20.62 -2.82 -19.87
CA VAL H 41 19.34 -2.46 -20.46
C VAL H 41 19.55 -2.22 -21.95
N TYR H 42 20.67 -1.57 -22.29
CA TYR H 42 21.02 -1.22 -23.66
C TYR H 42 21.32 -2.45 -24.50
N LYS H 43 22.06 -3.41 -23.92
CA LYS H 43 22.32 -4.70 -24.57
C LYS H 43 21.01 -5.36 -24.96
N VAL H 44 20.08 -5.41 -24.01
CA VAL H 44 18.79 -6.04 -24.23
C VAL H 44 17.99 -5.28 -25.28
N LEU H 45 18.12 -3.96 -25.32
CA LEU H 45 17.44 -3.15 -26.35
C LEU H 45 17.94 -3.49 -27.76
N LYS H 46 19.25 -3.74 -27.88
CA LYS H 46 19.82 -4.08 -29.18
C LYS H 46 19.28 -5.40 -29.71
N GLN H 47 19.16 -6.40 -28.84
CA GLN H 47 18.57 -7.67 -29.24
C GLN H 47 17.14 -7.53 -29.75
N VAL H 48 16.37 -6.69 -29.08
CA VAL H 48 14.94 -6.62 -29.30
C VAL H 48 14.58 -5.62 -30.40
N HIS H 49 15.35 -4.56 -30.51
CA HIS H 49 15.12 -3.54 -31.53
C HIS H 49 16.47 -2.98 -31.94
N PRO H 50 17.18 -3.72 -32.82
CA PRO H 50 18.58 -3.42 -33.14
C PRO H 50 18.83 -2.00 -33.61
N ASP H 51 17.83 -1.38 -34.24
CA ASP H 51 17.95 -0.02 -34.79
C ASP H 51 17.28 1.08 -33.94
N THR H 52 16.90 0.74 -32.71
CA THR H 52 16.24 1.69 -31.81
C THR H 52 17.21 2.16 -30.74
N GLY H 53 17.30 3.48 -30.56
CA GLY H 53 18.06 4.08 -29.46
C GLY H 53 17.16 4.37 -28.26
N ILE H 54 17.67 5.15 -27.29
CA ILE H 54 16.92 5.44 -26.05
C ILE H 54 17.44 6.73 -25.41
N SER H 55 16.54 7.62 -24.99
CA SER H 55 16.95 8.88 -24.37
C SER H 55 17.51 8.66 -22.95
N SER H 56 18.29 9.62 -22.47
CA SER H 56 18.77 9.62 -21.11
C SER H 56 17.68 9.35 -20.10
N LYS H 57 16.60 10.11 -20.21
CA LYS H 57 15.52 10.10 -19.24
C LYS H 57 14.79 8.76 -19.22
N ALA H 58 14.52 8.22 -20.41
CA ALA H 58 13.94 6.89 -20.54
C ALA H 58 14.83 5.83 -19.91
N MET H 59 16.13 5.97 -20.10
CA MET H 59 17.08 5.00 -19.53
C MET H 59 17.06 5.04 -17.99
N SER H 60 16.94 6.25 -17.43
CA SER H 60 16.84 6.44 -16.00
C SER H 60 15.55 5.80 -15.50
N ILE H 61 14.47 5.93 -16.27
CA ILE H 61 13.23 5.25 -15.94
C ILE H 61 13.40 3.73 -15.90
N MET H 62 14.09 3.19 -16.89
CA MET H 62 14.36 1.75 -16.96
C MET H 62 15.25 1.29 -15.81
N ASN H 63 16.22 2.12 -15.43
CA ASN H 63 17.04 1.83 -14.27
C ASN H 63 16.23 1.79 -12.93
N SER H 64 15.29 2.71 -12.76
CA SER H 64 14.37 2.67 -11.57
C SER H 64 13.54 1.41 -11.63
N PHE H 65 13.08 1.07 -12.83
CA PHE H 65 12.25 -0.12 -13.00
C PHE H 65 12.95 -1.38 -12.53
N VAL H 66 14.18 -1.59 -13.00
CA VAL H 66 14.96 -2.76 -12.59
C VAL H 66 15.21 -2.83 -11.07
N ASN H 67 15.65 -1.70 -10.49
CA ASN H 67 15.85 -1.58 -9.04
C ASN H 67 14.60 -1.84 -8.20
N ASP H 68 13.48 -1.28 -8.62
CA ASP H 68 12.21 -1.45 -7.93
C ASP H 68 11.82 -2.92 -7.97
N VAL H 69 11.84 -3.51 -9.16
CA VAL H 69 11.51 -4.94 -9.31
C VAL H 69 12.49 -5.85 -8.58
N PHE H 70 13.78 -5.55 -8.66
CA PHE H 70 14.74 -6.25 -7.83
C PHE H 70 14.28 -6.23 -6.34
N GLU H 71 14.02 -5.03 -5.83
CA GLU H 71 13.67 -4.84 -4.40
C GLU H 71 12.40 -5.58 -4.03
N ARG H 72 11.38 -5.49 -4.87
CA ARG H 72 10.12 -6.18 -4.62
C ARG H 72 10.28 -7.69 -4.56
N ILE H 73 11.02 -8.24 -5.50
CA ILE H 73 11.21 -9.70 -5.54
C ILE H 73 12.09 -10.15 -4.41
N ALA H 74 13.16 -9.40 -4.14
CA ALA H 74 14.09 -9.77 -3.07
C ALA H 74 13.42 -9.71 -1.70
N GLY H 75 12.60 -8.66 -1.50
CA GLY H 75 11.89 -8.48 -0.23
C GLY H 75 10.91 -9.61 0.01
N GLU H 76 10.13 -9.96 -1.01
CA GLU H 76 9.22 -11.09 -0.87
C GLU H 76 9.96 -12.40 -0.61
N ALA H 77 11.04 -12.64 -1.34
CA ALA H 77 11.83 -13.88 -1.16
C ALA H 77 12.35 -13.94 0.26
N SER H 78 12.81 -12.79 0.77
CA SER H 78 13.26 -12.64 2.16
C SER H 78 12.19 -13.00 3.19
N ARG H 79 10.98 -12.47 3.03
CA ARG H 79 9.87 -12.82 3.89
C ARG H 79 9.64 -14.31 3.88
N LEU H 80 9.59 -14.89 2.69
CA LEU H 80 9.33 -16.32 2.54
C LEU H 80 10.32 -17.16 3.31
N ALA H 81 11.60 -16.80 3.22
CA ALA H 81 12.63 -17.51 3.96
C ALA H 81 12.36 -17.40 5.46
N HIS H 82 12.15 -16.17 5.94
CA HIS H 82 11.91 -15.94 7.37
C HIS H 82 10.65 -16.65 7.85
N TYR H 83 9.59 -16.63 7.04
CA TYR H 83 8.35 -17.34 7.40
C TYR H 83 8.57 -18.82 7.58
N ASN H 84 9.51 -19.37 6.82
CA ASN H 84 9.76 -20.80 6.85
C ASN H 84 11.00 -21.18 7.66
N LYS H 85 11.51 -20.24 8.45
CA LYS H 85 12.66 -20.44 9.36
C LYS H 85 13.89 -20.96 8.61
N ARG H 86 14.13 -20.42 7.42
CA ARG H 86 15.26 -20.82 6.59
C ARG H 86 16.27 -19.69 6.55
N SER H 87 17.55 -20.06 6.60
CA SER H 87 18.64 -19.09 6.57
C SER H 87 19.03 -18.58 5.17
N THR H 88 18.52 -19.24 4.12
CA THR H 88 19.00 -19.02 2.74
C THR H 88 17.90 -18.61 1.78
N ILE H 89 18.18 -17.60 0.95
CA ILE H 89 17.36 -17.32 -0.22
C ILE H 89 17.91 -18.16 -1.39
N THR H 90 17.13 -19.14 -1.82
CA THR H 90 17.45 -19.99 -2.98
C THR H 90 16.53 -19.59 -4.15
N SER H 91 16.80 -20.15 -5.34
CA SER H 91 16.01 -19.82 -6.52
C SER H 91 14.54 -20.22 -6.36
N ARG H 92 14.27 -21.11 -5.42
CA ARG H 92 12.90 -21.49 -5.12
C ARG H 92 12.08 -20.35 -4.46
N GLU H 93 12.72 -19.61 -3.56
CA GLU H 93 12.14 -18.42 -2.94
C GLU H 93 11.91 -17.34 -3.97
N ILE H 94 12.88 -17.17 -4.86
CA ILE H 94 12.72 -16.24 -5.98
C ILE H 94 11.51 -16.62 -6.79
N GLN H 95 11.38 -17.92 -7.07
CA GLN H 95 10.34 -18.40 -7.95
C GLN H 95 8.95 -18.16 -7.35
N THR H 96 8.78 -18.56 -6.10
CA THR H 96 7.54 -18.25 -5.38
C THR H 96 7.33 -16.72 -5.27
N ALA H 97 8.40 -15.95 -5.04
CA ALA H 97 8.31 -14.50 -5.01
C ALA H 97 7.75 -13.97 -6.33
N VAL H 98 8.24 -14.50 -7.47
CA VAL H 98 7.77 -14.08 -8.79
C VAL H 98 6.28 -14.35 -8.97
N ARG H 99 5.80 -15.46 -8.42
CA ARG H 99 4.40 -15.86 -8.55
C ARG H 99 3.46 -15.01 -7.69
N LEU H 100 3.92 -14.64 -6.50
CA LEU H 100 3.19 -13.72 -5.63
C LEU H 100 3.08 -12.31 -6.24
N LEU H 101 4.15 -11.87 -6.91
CA LEU H 101 4.29 -10.48 -7.35
C LEU H 101 3.88 -10.18 -8.77
N LEU H 102 4.15 -11.08 -9.71
CA LEU H 102 3.84 -10.79 -11.11
C LEU H 102 2.45 -11.28 -11.47
N PRO H 103 1.75 -10.53 -12.33
CA PRO H 103 0.45 -10.91 -12.84
C PRO H 103 0.54 -12.17 -13.73
N GLY H 104 -0.51 -12.98 -13.70
CA GLY H 104 -0.61 -14.27 -14.39
C GLY H 104 0.41 -14.62 -15.46
N GLU H 105 0.24 -14.07 -16.65
CA GLU H 105 1.05 -14.50 -17.79
C GLU H 105 2.50 -14.01 -17.68
N LEU H 106 2.67 -12.84 -17.08
CA LEU H 106 3.98 -12.29 -16.84
C LEU H 106 4.76 -13.25 -15.95
N ALA H 107 4.10 -13.73 -14.90
CA ALA H 107 4.71 -14.68 -13.97
C ALA H 107 5.17 -15.95 -14.68
N LYS H 108 4.29 -16.46 -15.55
CA LYS H 108 4.51 -17.72 -16.26
C LYS H 108 5.78 -17.69 -17.11
N HIS H 109 5.94 -16.63 -17.90
CA HIS H 109 7.12 -16.49 -18.74
C HIS H 109 8.37 -16.14 -17.96
N ALA H 110 8.20 -15.41 -16.86
CA ALA H 110 9.34 -15.05 -15.98
C ALA H 110 9.90 -16.27 -15.31
N VAL H 111 9.01 -17.12 -14.81
CA VAL H 111 9.40 -18.38 -14.20
C VAL H 111 10.15 -19.25 -15.22
N SER H 112 9.64 -19.33 -16.44
CA SER H 112 10.27 -20.21 -17.42
C SER H 112 11.64 -19.66 -17.85
N GLU H 113 11.76 -18.34 -18.01
CA GLU H 113 13.08 -17.69 -18.19
C GLU H 113 14.03 -17.97 -17.02
N GLY H 114 13.50 -17.88 -15.80
CA GLY H 114 14.31 -18.10 -14.62
C GLY H 114 14.88 -19.50 -14.60
N THR H 115 13.98 -20.48 -14.76
CA THR H 115 14.36 -21.89 -14.78
C THR H 115 15.33 -22.17 -15.93
N LYS H 116 14.98 -21.71 -17.13
CA LYS H 116 15.82 -21.82 -18.32
C LYS H 116 17.27 -21.41 -18.01
N ALA H 117 17.43 -20.21 -17.46
CA ALA H 117 18.74 -19.68 -17.11
C ALA H 117 19.47 -20.49 -16.04
N VAL H 118 18.73 -21.04 -15.09
CA VAL H 118 19.34 -21.85 -14.03
C VAL H 118 19.81 -23.21 -14.57
N THR H 119 18.99 -23.83 -15.42
CA THR H 119 19.34 -25.11 -16.05
C THR H 119 20.61 -24.95 -16.89
N LYS H 120 20.55 -24.03 -17.85
CA LYS H 120 21.69 -23.63 -18.67
C LYS H 120 22.97 -23.41 -17.85
N TYR H 121 22.83 -22.73 -16.72
CA TYR H 121 23.97 -22.37 -15.89
C TYR H 121 24.58 -23.57 -15.19
N THR H 122 23.72 -24.45 -14.65
CA THR H 122 24.17 -25.67 -13.96
C THR H 122 24.82 -26.64 -14.96
N SER H 123 24.12 -26.90 -16.06
CA SER H 123 24.69 -27.67 -17.17
C SER H 123 25.66 -26.79 -17.97
N ALA H 124 26.77 -26.44 -17.31
CA ALA H 124 27.87 -25.74 -17.94
C ALA H 124 29.15 -26.28 -17.33
N LYS H 125 30.00 -26.83 -18.19
CA LYS H 125 31.30 -27.35 -17.80
C LYS H 125 32.37 -26.23 -17.81
CL CL K . -19.41 21.39 -4.16
CL CL L . 22.62 2.67 19.46
MN MN M . -14.09 -26.99 -8.55
CL CL N . -26.64 0.05 -11.67
MN MN O . -17.41 -42.57 -7.37
CL CL P . 19.89 -21.42 -5.19
MN MN Q . 36.98 2.05 8.09
MN MN R . -32.50 31.10 -20.85
MN MN S . -30.48 17.93 -12.75
MN MN T . 38.28 -5.05 -21.31
MN MN U . 7.60 18.50 -35.73
MN MN V . 1.03 27.99 -43.46
MN MN W . -40.63 -6.19 -6.69
MN MN X . -3.53 16.91 -45.76
MN MN Y . -26.67 -9.11 28.64
MN MN Z . 32.82 25.65 2.68
MN MN AA . -18.88 34.46 -14.06
MN MN BA . 26.39 19.10 -25.88
MN MN CA . -38.92 -9.18 29.02
MN MN DA . 9.15 -17.09 35.92
MN MN EA . -34.57 28.06 -11.44
#